data_2Y2L
#
_entry.id   2Y2L
#
_cell.length_a   96.055
_cell.length_b   101.628
_cell.length_c   145.557
_cell.angle_alpha   90.00
_cell.angle_beta   90.00
_cell.angle_gamma   90.00
#
_symmetry.space_group_name_H-M   'P 21 21 21'
#
loop_
_entity.id
_entity.type
_entity.pdbx_description
1 polymer 'PENICILLIN-BINDING PROTEIN 1B'
2 non-polymer [(1R)-1-[(2,6-difluorophenyl)carbonylamino]ethyl]-trihydroxy-boron
3 non-polymer 'SULFATE ION'
4 non-polymer 'CHLORIDE ION'
5 non-polymer 'SODIUM ION'
6 water water
#
_entity_poly.entity_id   1
_entity_poly.type   'polypeptide(L)'
_entity_poly.pdbx_seq_one_letter_code
;DISSISEITYSDGTVIASIESDLLRQDFLPSGTVTGISRDYLYFTTLAEAQERMYDYLAQRDNVSAKELKNEATQKFYRD
LAAKEIENGGYKITTTIDQKIHSAMQSAVADYGYLLDDGTGRVEVGNVLMDNQTGAILGFVGGRNYQENQNNHAFDTKRS
PASTTKPLLAYGIAIDQGLMGSETILSNYPTNFANGNPIMYANSKGTGMMTLGEALNYSWNIPAYWTYRMLRENGVDVKG
YMEKMGYEIPEYGIESLPMGGGIEVTVAQHTNGYQTLANNGVYHQKHVISKIEAADGRVVYEYQDKPVQVYSKATATIMQ
GLLREVLSSRVTTTFKSNLTSLNPTLANADWIGKTGTTGQDENMWLMLSTPRLTLGGWIGHDDNHSLSQQAGYSNNSNYM
AHLVNAIQQASPSIWGNERFALDPSVVKSEVLKSTGQKPGKVSVEGKEVEVTGSTVTSYWANKSGAPATSYRFAIGGSDA
DYQNAWSSIVGSLP
;
_entity_poly.pdbx_strand_id   A,B
#
# COMPACT_ATOMS: atom_id res chain seq x y z
N ILE A 5 53.89 -8.06 -1.36
CA ILE A 5 52.56 -7.52 -0.97
C ILE A 5 51.38 -8.29 -1.62
N SER A 6 50.41 -8.72 -0.81
CA SER A 6 49.16 -9.30 -1.36
C SER A 6 48.10 -8.24 -1.72
N GLU A 7 47.27 -8.53 -2.71
CA GLU A 7 46.15 -7.63 -2.98
C GLU A 7 44.82 -8.33 -3.14
N ILE A 8 43.77 -7.66 -2.68
CA ILE A 8 42.38 -8.06 -2.94
C ILE A 8 41.86 -7.24 -4.11
N THR A 9 41.23 -7.88 -5.08
CA THR A 9 40.61 -7.13 -6.19
C THR A 9 39.09 -7.33 -6.31
N TYR A 10 38.47 -6.38 -7.00
CA TYR A 10 37.09 -6.52 -7.53
C TYR A 10 37.05 -7.59 -8.62
N SER A 11 35.85 -7.96 -9.05
CA SER A 11 35.71 -9.03 -10.06
C SER A 11 36.43 -8.73 -11.37
N ASP A 12 36.63 -7.45 -11.67
CA ASP A 12 37.30 -7.05 -12.91
C ASP A 12 38.83 -6.99 -12.85
N GLY A 13 39.38 -7.01 -11.62
CA GLY A 13 40.82 -7.09 -11.39
C GLY A 13 41.34 -5.83 -10.71
N THR A 14 40.45 -4.87 -10.53
CA THR A 14 40.79 -3.59 -9.90
C THR A 14 41.12 -3.78 -8.42
N VAL A 15 42.31 -3.34 -8.03
CA VAL A 15 42.73 -3.54 -6.64
C VAL A 15 41.79 -2.81 -5.67
N ILE A 16 41.28 -3.55 -4.69
CA ILE A 16 40.58 -2.99 -3.54
C ILE A 16 41.60 -2.39 -2.55
N ALA A 17 42.47 -3.24 -1.98
CA ALA A 17 43.66 -2.77 -1.27
C ALA A 17 44.78 -3.80 -1.40
N SER A 18 45.96 -3.43 -0.93
CA SER A 18 46.93 -4.44 -0.53
C SER A 18 46.82 -4.73 0.97
N ILE A 19 47.04 -6.00 1.33
CA ILE A 19 47.10 -6.40 2.73
C ILE A 19 48.45 -6.04 3.37
N GLU A 20 48.40 -5.55 4.59
CA GLU A 20 49.62 -5.16 5.30
C GLU A 20 49.46 -5.23 6.81
N SER A 21 50.43 -5.89 7.46
CA SER A 21 50.42 -6.10 8.91
C SER A 21 49.01 -6.35 9.46
N ARG A 39 39.60 0.44 5.91
CA ARG A 39 38.74 1.00 6.96
C ARG A 39 37.25 0.82 6.66
N ASP A 40 36.90 -0.07 5.74
CA ASP A 40 35.49 -0.38 5.53
C ASP A 40 35.13 -1.85 5.54
N TYR A 41 33.83 -2.10 5.51
CA TYR A 41 33.29 -3.44 5.46
C TYR A 41 33.95 -4.23 4.34
N LEU A 42 34.09 -3.58 3.20
CA LEU A 42 34.50 -4.26 1.97
C LEU A 42 35.86 -4.94 2.20
N TYR A 43 36.80 -4.19 2.80
CA TYR A 43 38.11 -4.70 3.17
C TYR A 43 38.04 -5.91 4.11
N PHE A 44 37.38 -5.73 5.24
CA PHE A 44 37.47 -6.71 6.33
C PHE A 44 36.66 -7.94 5.97
N THR A 45 35.61 -7.73 5.18
CA THR A 45 34.76 -8.86 4.80
C THR A 45 35.51 -9.72 3.85
N THR A 46 36.23 -9.10 2.90
CA THR A 46 36.79 -9.88 1.80
C THR A 46 38.08 -10.56 2.28
N LEU A 47 38.87 -9.80 3.05
CA LEU A 47 39.98 -10.33 3.86
C LEU A 47 39.58 -11.51 4.77
N ALA A 48 38.54 -11.33 5.59
CA ALA A 48 38.07 -12.40 6.46
C ALA A 48 37.81 -13.67 5.67
N GLU A 49 37.13 -13.57 4.52
CA GLU A 49 36.79 -14.77 3.77
C GLU A 49 37.99 -15.31 3.02
N ALA A 50 38.84 -14.42 2.49
CA ALA A 50 40.14 -14.86 1.94
C ALA A 50 40.88 -15.72 2.97
N GLN A 51 40.88 -15.26 4.23
CA GLN A 51 41.58 -15.98 5.29
C GLN A 51 40.96 -17.33 5.59
N GLU A 52 39.63 -17.43 5.52
CA GLU A 52 38.93 -18.72 5.65
C GLU A 52 39.36 -19.68 4.56
N ARG A 53 39.38 -19.22 3.32
CA ARG A 53 39.82 -20.07 2.20
C ARG A 53 41.30 -20.48 2.40
N MET A 54 42.12 -19.58 2.94
CA MET A 54 43.54 -19.89 3.13
C MET A 54 43.70 -20.92 4.24
N TYR A 55 42.83 -20.86 5.24
CA TYR A 55 42.84 -21.80 6.35
C TYR A 55 42.54 -23.21 5.85
N ASP A 56 41.49 -23.36 5.02
CA ASP A 56 41.20 -24.67 4.49
C ASP A 56 42.42 -25.11 3.68
N TYR A 57 43.04 -24.19 2.96
CA TYR A 57 44.13 -24.62 2.07
C TYR A 57 45.35 -25.13 2.86
N LEU A 58 45.71 -24.41 3.94
CA LEU A 58 46.87 -24.77 4.74
C LEU A 58 46.60 -26.07 5.52
N ALA A 59 45.38 -26.22 6.01
CA ALA A 59 44.97 -27.41 6.76
C ALA A 59 45.03 -28.61 5.82
N GLN A 60 44.64 -28.41 4.57
CA GLN A 60 44.71 -29.50 3.62
C GLN A 60 46.18 -29.76 3.25
N ARG A 61 46.93 -28.70 2.92
CA ARG A 61 48.35 -28.78 2.56
C ARG A 61 49.14 -29.53 3.63
N ASP A 62 48.81 -29.30 4.91
CA ASP A 62 49.51 -29.95 6.01
C ASP A 62 48.87 -31.27 6.40
N ASN A 63 47.89 -31.70 5.63
CA ASN A 63 47.17 -32.90 5.94
C ASN A 63 46.79 -32.99 7.42
N VAL A 64 46.11 -31.96 7.91
CA VAL A 64 45.57 -31.96 9.25
C VAL A 64 44.23 -32.71 9.35
N SER A 65 44.16 -33.76 10.18
CA SER A 65 42.95 -34.59 10.29
C SER A 65 41.70 -33.88 10.78
N ALA A 66 40.55 -34.42 10.39
CA ALA A 66 39.22 -33.95 10.82
C ALA A 66 39.16 -33.67 12.32
N LYS A 67 39.67 -34.60 13.12
CA LYS A 67 39.66 -34.49 14.59
C LYS A 67 40.61 -33.39 15.12
N GLU A 68 41.79 -33.27 14.53
CA GLU A 68 42.68 -32.18 14.90
C GLU A 68 41.98 -30.85 14.68
N LEU A 69 41.40 -30.68 13.50
CA LEU A 69 40.73 -29.41 13.14
C LEU A 69 39.60 -28.99 14.10
N LYS A 70 39.05 -29.97 14.83
CA LYS A 70 38.10 -29.76 15.93
C LYS A 70 38.74 -29.19 17.21
N ASN A 71 40.06 -29.35 17.34
CA ASN A 71 40.83 -28.84 18.46
C ASN A 71 41.12 -27.33 18.40
N GLU A 72 40.90 -26.65 19.51
CA GLU A 72 40.82 -25.18 19.51
C GLU A 72 42.17 -24.47 19.41
N ALA A 73 43.18 -25.08 20.01
CA ALA A 73 44.56 -24.62 19.92
C ALA A 73 45.06 -24.71 18.48
N THR A 74 44.68 -25.78 17.78
CA THR A 74 44.99 -25.99 16.37
C THR A 74 44.27 -24.99 15.46
N GLN A 75 43.01 -24.70 15.77
CA GLN A 75 42.33 -23.65 15.01
C GLN A 75 43.05 -22.31 15.17
N LYS A 76 43.41 -21.96 16.40
CA LYS A 76 44.03 -20.66 16.64
C LYS A 76 45.30 -20.51 15.81
N PHE A 77 46.10 -21.59 15.80
CA PHE A 77 47.38 -21.63 15.12
C PHE A 77 47.17 -21.50 13.61
N TYR A 78 46.30 -22.35 13.06
CA TYR A 78 45.96 -22.29 11.63
C TYR A 78 45.28 -20.99 11.14
N ARG A 79 44.52 -20.34 12.01
CA ARG A 79 43.98 -19.01 11.70
C ARG A 79 45.09 -17.97 11.63
N ASP A 80 46.07 -18.07 12.53
CA ASP A 80 47.11 -17.08 12.60
C ASP A 80 48.06 -17.29 11.39
N LEU A 81 48.31 -18.57 11.07
CA LEU A 81 49.05 -18.94 9.87
C LEU A 81 48.40 -18.43 8.57
N ALA A 82 47.08 -18.55 8.44
CA ALA A 82 46.40 -17.98 7.27
C ALA A 82 46.55 -16.46 7.15
N ALA A 83 46.36 -15.76 8.26
CA ALA A 83 46.52 -14.32 8.30
C ALA A 83 47.94 -13.93 7.84
N LYS A 84 48.94 -14.52 8.50
CA LYS A 84 50.34 -14.28 8.12
C LYS A 84 50.66 -14.67 6.67
N GLU A 85 50.19 -15.83 6.23
CA GLU A 85 50.38 -16.25 4.85
C GLU A 85 49.95 -15.14 3.85
N ILE A 86 48.79 -14.52 4.11
CA ILE A 86 48.28 -13.46 3.24
C ILE A 86 49.06 -12.15 3.37
N GLU A 87 49.39 -11.73 4.58
CA GLU A 87 50.35 -10.63 4.74
C GLU A 87 51.71 -10.86 4.05
N ASN A 88 52.18 -12.09 4.05
CA ASN A 88 53.57 -12.33 3.72
C ASN A 88 53.72 -12.95 2.35
N GLY A 89 52.86 -13.90 2.01
CA GLY A 89 52.76 -14.40 0.64
C GLY A 89 52.61 -13.25 -0.33
N GLY A 90 52.61 -13.56 -1.61
CA GLY A 90 52.30 -12.56 -2.61
C GLY A 90 51.08 -13.10 -3.31
N TYR A 91 49.93 -12.93 -2.68
CA TYR A 91 48.70 -13.43 -3.27
C TYR A 91 47.93 -12.34 -3.99
N LYS A 92 47.36 -12.71 -5.13
CA LYS A 92 46.24 -11.98 -5.68
C LYS A 92 44.92 -12.66 -5.30
N ILE A 93 44.03 -11.91 -4.64
CA ILE A 93 42.74 -12.42 -4.22
C ILE A 93 41.63 -11.75 -5.04
N THR A 94 40.92 -12.55 -5.82
CA THR A 94 39.87 -12.06 -6.72
C THR A 94 38.50 -12.23 -6.05
N THR A 95 37.79 -11.13 -5.84
CA THR A 95 36.44 -11.21 -5.26
C THR A 95 35.33 -11.18 -6.33
N THR A 96 34.09 -11.43 -5.91
CA THR A 96 32.94 -11.38 -6.81
C THR A 96 32.38 -9.95 -6.94
N ILE A 97 32.95 -9.02 -6.16
CA ILE A 97 32.33 -7.72 -5.96
C ILE A 97 32.42 -6.86 -7.23
N ASP A 98 31.35 -6.15 -7.51
CA ASP A 98 31.25 -5.33 -8.69
C ASP A 98 31.47 -3.94 -8.11
N GLN A 99 32.53 -3.28 -8.54
CA GLN A 99 32.94 -2.01 -7.93
C GLN A 99 31.85 -0.93 -8.01
N LYS A 100 31.23 -0.78 -9.18
CA LYS A 100 30.20 0.26 -9.38
C LYS A 100 28.97 -0.02 -8.55
N ILE A 101 28.58 -1.29 -8.47
CA ILE A 101 27.38 -1.67 -7.77
C ILE A 101 27.54 -1.46 -6.25
N HIS A 102 28.62 -2.01 -5.69
CA HIS A 102 28.88 -1.99 -4.25
C HIS A 102 29.08 -0.56 -3.79
N SER A 103 29.83 0.17 -4.58
CA SER A 103 29.93 1.61 -4.41
C SER A 103 28.61 2.36 -4.35
N ALA A 104 27.73 2.10 -5.32
CA ALA A 104 26.41 2.70 -5.34
C ALA A 104 25.59 2.26 -4.12
N MET A 105 25.86 1.07 -3.58
CA MET A 105 25.13 0.60 -2.40
C MET A 105 25.61 1.33 -1.15
N GLN A 106 26.91 1.56 -1.08
CA GLN A 106 27.48 2.37 -0.04
C GLN A 106 26.83 3.77 -0.04
N SER A 107 26.72 4.39 -1.21
CA SER A 107 26.15 5.74 -1.30
C SER A 107 24.68 5.70 -0.92
N ALA A 108 23.98 4.68 -1.39
CA ALA A 108 22.57 4.49 -1.08
C ALA A 108 22.33 4.42 0.43
N VAL A 109 23.13 3.63 1.14
CA VAL A 109 22.96 3.60 2.57
C VAL A 109 23.32 4.91 3.25
N ALA A 110 24.38 5.55 2.78
CA ALA A 110 24.71 6.89 3.27
C ALA A 110 23.60 7.91 2.99
N ASP A 111 23.02 7.91 1.79
CA ASP A 111 21.99 8.92 1.45
C ASP A 111 20.64 8.61 2.05
N TYR A 112 20.33 7.33 2.20
CA TYR A 112 18.95 6.97 2.51
C TYR A 112 18.79 6.15 3.80
N GLY A 113 19.91 5.76 4.39
CA GLY A 113 19.90 5.11 5.69
C GLY A 113 18.93 5.77 6.65
N TYR A 114 18.87 7.10 6.66
CA TYR A 114 18.05 7.81 7.65
C TYR A 114 16.57 7.45 7.51
N LEU A 115 16.16 6.92 6.36
CA LEU A 115 14.76 6.49 6.18
C LEU A 115 14.35 5.41 7.16
N LEU A 116 15.34 4.76 7.77
CA LEU A 116 15.09 3.58 8.58
C LEU A 116 14.84 3.98 10.04
N ASP A 117 15.42 5.11 10.44
CA ASP A 117 15.23 5.61 11.81
C ASP A 117 13.78 5.95 12.06
N ASP A 118 13.30 5.55 13.23
CA ASP A 118 11.91 5.73 13.64
C ASP A 118 11.99 6.17 15.12
N GLY A 119 11.02 5.83 15.95
CA GLY A 119 11.20 6.31 17.34
C GLY A 119 12.36 5.75 18.17
N THR A 120 13.11 4.76 17.67
CA THR A 120 13.63 3.68 18.55
C THR A 120 15.17 3.64 18.69
N GLY A 121 15.83 4.74 18.35
CA GLY A 121 17.28 4.73 18.27
C GLY A 121 17.72 4.52 16.82
N ARG A 122 19.03 4.41 16.63
CA ARG A 122 19.58 4.16 15.33
C ARG A 122 19.25 2.73 14.92
N VAL A 123 18.68 2.63 13.72
CA VAL A 123 18.27 1.36 13.15
C VAL A 123 19.42 0.87 12.25
N GLU A 124 19.93 -0.30 12.59
CA GLU A 124 21.00 -0.88 11.81
C GLU A 124 20.42 -1.69 10.64
N VAL A 125 21.27 -2.09 9.70
CA VAL A 125 20.78 -2.61 8.43
C VAL A 125 21.81 -3.49 7.82
N GLY A 126 21.37 -4.54 7.11
CA GLY A 126 22.27 -5.44 6.33
C GLY A 126 21.63 -5.87 5.01
N ASN A 127 22.41 -5.85 3.92
CA ASN A 127 21.86 -6.17 2.59
C ASN A 127 22.89 -6.97 1.83
N VAL A 128 22.45 -7.88 0.96
CA VAL A 128 23.36 -8.72 0.18
C VAL A 128 22.76 -8.90 -1.20
N LEU A 129 23.53 -8.52 -2.22
CA LEU A 129 23.05 -8.58 -3.61
C LEU A 129 23.77 -9.74 -4.21
N MET A 130 23.00 -10.74 -4.64
CA MET A 130 23.55 -12.01 -5.11
C MET A 130 23.13 -12.32 -6.55
N ASP A 131 24.04 -12.87 -7.34
CA ASP A 131 23.72 -13.35 -8.70
C ASP A 131 23.01 -14.71 -8.63
N ASN A 132 21.79 -14.82 -9.15
CA ASN A 132 20.97 -16.02 -8.95
C ASN A 132 21.53 -17.22 -9.68
N GLN A 133 22.25 -16.94 -10.76
CA GLN A 133 22.87 -18.02 -11.51
C GLN A 133 24.21 -18.50 -10.98
N THR A 134 24.87 -17.77 -10.08
CA THR A 134 26.22 -18.18 -9.66
C THR A 134 26.43 -18.20 -8.16
N GLY A 135 25.59 -17.45 -7.46
CA GLY A 135 25.75 -17.37 -6.01
C GLY A 135 26.81 -16.36 -5.66
N ALA A 136 27.37 -15.71 -6.67
CA ALA A 136 28.38 -14.69 -6.42
C ALA A 136 27.72 -13.50 -5.74
N ILE A 137 28.45 -12.80 -4.87
CA ILE A 137 27.89 -11.60 -4.25
C ILE A 137 28.46 -10.38 -4.91
N LEU A 138 27.60 -9.49 -5.38
CA LEU A 138 28.05 -8.42 -6.25
C LEU A 138 28.32 -7.21 -5.40
N GLY A 139 27.71 -7.18 -4.21
CA GLY A 139 27.76 -6.02 -3.34
C GLY A 139 26.85 -6.19 -2.15
N PHE A 140 27.11 -5.38 -1.13
CA PHE A 140 26.42 -5.53 0.16
C PHE A 140 26.47 -4.25 1.00
N VAL A 141 25.56 -4.15 1.97
CA VAL A 141 25.61 -3.09 2.96
C VAL A 141 25.90 -3.76 4.31
N GLY A 142 27.06 -3.47 4.89
CA GLY A 142 27.40 -4.02 6.21
C GLY A 142 26.71 -3.35 7.39
N GLY A 143 26.15 -2.15 7.20
CA GLY A 143 25.57 -1.41 8.31
C GLY A 143 25.50 0.07 7.96
N ARG A 144 24.98 0.86 8.89
CA ARG A 144 24.68 2.26 8.60
C ARG A 144 25.90 3.12 8.28
N ASN A 145 27.04 2.80 8.91
CA ASN A 145 28.26 3.63 8.81
C ASN A 145 29.38 3.01 9.65
N TYR A 146 30.22 2.22 9.00
CA TYR A 146 31.32 1.49 9.65
C TYR A 146 32.14 2.34 10.66
N GLN A 147 32.38 3.60 10.33
CA GLN A 147 33.07 4.54 11.22
C GLN A 147 32.41 4.66 12.59
N GLU A 148 31.09 4.74 12.64
CA GLU A 148 30.35 4.69 13.92
C GLU A 148 30.17 3.32 14.59
N ASN A 149 30.07 2.25 13.80
CA ASN A 149 29.68 0.93 14.29
C ASN A 149 30.25 -0.06 13.29
N GLN A 150 31.23 -0.84 13.74
CA GLN A 150 31.91 -1.83 12.91
C GLN A 150 31.20 -3.17 12.68
N ASN A 151 30.11 -3.46 13.38
CA ASN A 151 29.49 -4.78 13.22
C ASN A 151 28.95 -4.99 11.83
N ASN A 152 29.21 -6.18 11.32
CA ASN A 152 28.81 -6.50 9.98
C ASN A 152 27.44 -7.20 9.90
N HIS A 153 26.44 -6.44 9.48
CA HIS A 153 25.05 -6.89 9.58
C HIS A 153 24.65 -7.71 8.35
N ALA A 154 25.57 -7.80 7.39
CA ALA A 154 25.36 -8.56 6.16
C ALA A 154 25.93 -9.97 6.35
N PHE A 155 27.07 -10.07 7.08
CA PHE A 155 27.86 -11.32 7.13
C PHE A 155 27.95 -12.00 8.50
N ASP A 156 27.82 -11.24 9.59
CA ASP A 156 28.08 -11.75 10.95
C ASP A 156 26.82 -11.80 11.83
N THR A 157 26.05 -10.71 11.93
CA THR A 157 24.75 -10.66 12.64
C THR A 157 23.83 -11.88 12.28
N LYS A 158 23.35 -12.62 13.29
CA LYS A 158 22.31 -13.64 13.12
C LYS A 158 21.03 -13.28 13.86
N ARG A 159 19.90 -13.28 13.17
CA ARG A 159 18.60 -12.97 13.77
C ARG A 159 17.59 -13.93 13.18
N SER A 160 16.52 -14.23 13.92
CA SER A 160 15.46 -15.03 13.30
C SER A 160 14.98 -14.40 11.98
N PRO A 161 14.80 -15.23 10.97
CA PRO A 161 14.22 -14.74 9.72
C PRO A 161 12.69 -14.67 9.77
N ALA A 162 12.09 -15.03 10.90
CA ALA A 162 10.66 -14.81 11.05
C ALA A 162 9.93 -15.45 9.84
N SER A 163 8.90 -14.81 9.32
CA SER A 163 8.04 -15.42 8.31
C SER A 163 8.70 -15.57 6.93
N THR A 164 9.89 -15.05 6.72
CA THR A 164 10.59 -15.33 5.45
C THR A 164 11.05 -16.77 5.48
N THR A 165 10.94 -17.45 6.62
CA THR A 165 11.07 -18.89 6.74
C THR A 165 10.00 -19.69 5.98
N LYS A 166 8.81 -19.12 5.88
CA LYS A 166 7.63 -19.90 5.49
C LYS A 166 7.72 -20.48 4.07
N PRO A 167 8.15 -19.68 3.09
CA PRO A 167 8.24 -20.19 1.71
C PRO A 167 9.23 -21.38 1.58
N LEU A 168 10.31 -21.31 2.35
CA LEU A 168 11.40 -22.27 2.19
C LEU A 168 11.13 -23.60 2.92
N LEU A 169 10.72 -23.52 4.18
CA LEU A 169 10.68 -24.70 5.04
C LEU A 169 9.28 -25.32 5.17
N ALA A 170 8.24 -24.52 5.00
CA ALA A 170 6.89 -25.05 5.02
C ALA A 170 6.30 -25.27 3.58
N TYR A 171 5.92 -24.17 2.94
CA TYR A 171 5.07 -24.24 1.77
C TYR A 171 5.81 -24.83 0.58
N GLY A 172 7.04 -24.34 0.36
CA GLY A 172 7.91 -24.87 -0.68
C GLY A 172 8.07 -26.39 -0.61
N ILE A 173 8.27 -26.89 0.59
CA ILE A 173 8.55 -28.31 0.80
C ILE A 173 7.27 -29.14 0.67
N ALA A 174 6.13 -28.57 1.09
CA ALA A 174 4.86 -29.27 0.93
C ALA A 174 4.48 -29.42 -0.56
N ILE A 175 4.61 -28.33 -1.32
CA ILE A 175 4.45 -28.39 -2.77
C ILE A 175 5.45 -29.40 -3.38
N ASP A 176 6.74 -29.27 -3.07
CA ASP A 176 7.74 -30.18 -3.66
C ASP A 176 7.37 -31.61 -3.40
N GLN A 177 6.72 -31.88 -2.26
CA GLN A 177 6.49 -33.29 -1.88
C GLN A 177 5.18 -33.74 -2.46
N GLY A 178 4.53 -32.88 -3.23
CA GLY A 178 3.20 -33.15 -3.75
C GLY A 178 2.09 -33.25 -2.73
N LEU A 179 2.20 -32.49 -1.64
CA LEU A 179 1.16 -32.51 -0.60
C LEU A 179 0.33 -31.27 -0.62
N MET A 180 0.61 -30.39 -1.57
CA MET A 180 -0.23 -29.22 -1.74
C MET A 180 0.05 -28.58 -3.09
N GLY A 181 -0.89 -27.79 -3.60
CA GLY A 181 -0.68 -27.04 -4.82
C GLY A 181 -0.97 -25.57 -4.62
N SER A 182 -0.95 -24.79 -5.70
CA SER A 182 -0.94 -23.34 -5.57
C SER A 182 -2.22 -22.75 -4.96
N GLU A 183 -3.34 -23.44 -5.13
CA GLU A 183 -4.63 -22.92 -4.67
C GLU A 183 -5.24 -23.86 -3.65
N THR A 184 -4.43 -24.77 -3.10
CA THR A 184 -4.80 -25.54 -1.92
C THR A 184 -5.29 -24.67 -0.76
N ILE A 185 -6.12 -25.25 0.09
CA ILE A 185 -6.75 -24.55 1.19
C ILE A 185 -6.14 -24.92 2.53
N LEU A 186 -5.91 -23.93 3.38
CA LEU A 186 -5.34 -24.20 4.72
C LEU A 186 -6.23 -23.60 5.79
N SER A 187 -6.26 -24.25 6.96
CA SER A 187 -6.99 -23.68 8.08
C SER A 187 -6.19 -22.58 8.73
N ASN A 188 -6.81 -21.41 8.86
CA ASN A 188 -6.33 -20.34 9.75
C ASN A 188 -7.31 -20.20 10.94
N TYR A 189 -8.03 -21.27 11.22
CA TYR A 189 -8.89 -21.30 12.39
C TYR A 189 -8.03 -21.24 13.65
N PRO A 190 -8.63 -20.77 14.74
CA PRO A 190 -7.94 -20.79 16.01
C PRO A 190 -7.45 -22.17 16.40
N THR A 191 -6.22 -22.23 16.90
CA THR A 191 -5.69 -23.49 17.42
C THR A 191 -4.63 -23.10 18.44
N ASN A 192 -4.34 -23.97 19.37
CA ASN A 192 -3.29 -23.74 20.38
C ASN A 192 -2.05 -24.56 20.14
N PHE A 193 -0.92 -24.04 20.62
CA PHE A 193 0.30 -24.80 20.74
C PHE A 193 0.05 -25.84 21.80
N ALA A 194 1.00 -26.77 21.94
CA ALA A 194 0.83 -27.88 22.86
C ALA A 194 0.84 -27.39 24.31
N ASN A 195 1.46 -26.25 24.58
CA ASN A 195 1.34 -25.67 25.94
C ASN A 195 -0.04 -25.04 26.26
N GLY A 196 -0.99 -25.06 25.32
CA GLY A 196 -2.32 -24.50 25.51
C GLY A 196 -2.48 -23.03 25.12
N ASN A 197 -1.36 -22.34 24.91
CA ASN A 197 -1.39 -20.98 24.40
C ASN A 197 -1.88 -20.92 22.95
N PRO A 198 -2.72 -19.94 22.67
CA PRO A 198 -3.16 -19.69 21.29
C PRO A 198 -2.03 -19.31 20.34
N ILE A 199 -2.00 -19.94 19.16
CA ILE A 199 -1.13 -19.44 18.11
C ILE A 199 -1.68 -18.11 17.63
N MET A 200 -0.86 -17.05 17.70
CA MET A 200 -1.26 -15.69 17.36
C MET A 200 -0.62 -15.16 16.06
N TYR A 201 -1.29 -14.20 15.42
CA TYR A 201 -0.67 -13.39 14.40
C TYR A 201 -1.14 -11.95 14.57
N ALA A 202 -0.19 -11.05 14.82
CA ALA A 202 -0.55 -9.70 15.24
C ALA A 202 -1.37 -9.90 16.50
N ASN A 203 -2.58 -9.37 16.47
CA ASN A 203 -3.45 -9.57 17.60
C ASN A 203 -4.64 -10.44 17.33
N SER A 204 -4.54 -11.33 16.35
CA SER A 204 -5.64 -12.17 15.94
C SER A 204 -5.39 -13.65 16.30
N LYS A 205 -6.37 -14.30 16.93
CA LYS A 205 -6.38 -15.75 17.17
C LYS A 205 -6.62 -16.60 15.95
N GLY A 206 -6.88 -16.00 14.79
CA GLY A 206 -7.22 -16.82 13.59
C GLY A 206 -8.46 -16.30 12.86
N THR A 207 -8.80 -16.89 11.72
CA THR A 207 -10.08 -16.62 11.03
C THR A 207 -10.68 -17.96 10.62
N GLY A 208 -10.48 -18.38 9.37
CA GLY A 208 -11.01 -19.67 8.92
C GLY A 208 -10.18 -20.22 7.77
N MET A 209 -10.80 -20.97 6.86
CA MET A 209 -10.09 -21.55 5.72
C MET A 209 -9.58 -20.43 4.82
N MET A 210 -8.60 -20.73 3.98
CA MET A 210 -7.87 -19.66 3.29
C MET A 210 -6.97 -20.32 2.23
N THR A 211 -6.81 -19.69 1.08
CA THR A 211 -5.93 -20.27 0.05
C THR A 211 -4.45 -20.09 0.46
N LEU A 212 -3.54 -20.87 -0.11
CA LEU A 212 -2.12 -20.65 0.12
C LEU A 212 -1.70 -19.19 -0.19
N GLY A 213 -2.31 -18.58 -1.20
CA GLY A 213 -2.01 -17.21 -1.62
C GLY A 213 -2.40 -16.20 -0.55
N GLU A 214 -3.58 -16.36 0.03
CA GLU A 214 -3.95 -15.49 1.13
C GLU A 214 -3.02 -15.75 2.34
N ALA A 215 -2.72 -17.01 2.61
CA ALA A 215 -1.88 -17.31 3.76
C ALA A 215 -0.54 -16.57 3.60
N LEU A 216 0.04 -16.65 2.41
CA LEU A 216 1.32 -16.04 2.09
C LEU A 216 1.24 -14.53 1.99
N ASN A 217 0.20 -13.97 1.34
CA ASN A 217 0.14 -12.49 1.20
C ASN A 217 0.01 -11.77 2.56
N TYR A 218 -0.68 -12.41 3.48
CA TYR A 218 -1.02 -11.84 4.76
C TYR A 218 -0.07 -12.33 5.85
N SER A 219 0.73 -13.34 5.53
CA SER A 219 1.72 -13.89 6.45
C SER A 219 1.13 -14.55 7.69
N TRP A 220 -0.06 -15.10 7.56
CA TRP A 220 -0.71 -15.76 8.70
C TRP A 220 0.21 -16.84 9.28
N ASN A 221 0.05 -17.17 10.56
CA ASN A 221 0.97 -18.16 11.22
C ASN A 221 0.40 -19.58 11.28
N ILE A 222 -0.87 -19.68 11.61
CA ILE A 222 -1.53 -20.98 11.68
C ILE A 222 -1.38 -21.89 10.43
N PRO A 223 -1.62 -21.38 9.22
CA PRO A 223 -1.39 -22.19 8.03
C PRO A 223 -0.01 -22.83 7.99
N ALA A 224 1.00 -22.09 8.41
CA ALA A 224 2.38 -22.49 8.26
C ALA A 224 2.59 -23.57 9.31
N TYR A 225 1.94 -23.38 10.47
CA TYR A 225 2.00 -24.36 11.57
C TYR A 225 1.43 -25.70 11.16
N TRP A 226 0.24 -25.74 10.55
CA TRP A 226 -0.27 -27.04 10.03
C TRP A 226 0.60 -27.60 8.89
N THR A 227 1.13 -26.71 8.06
CA THR A 227 1.97 -27.19 6.97
C THR A 227 3.19 -27.96 7.51
N TYR A 228 3.93 -27.34 8.42
CA TYR A 228 5.08 -28.05 8.99
C TYR A 228 4.63 -29.33 9.66
N ARG A 229 3.55 -29.24 10.43
CA ARG A 229 3.05 -30.41 11.16
C ARG A 229 2.76 -31.60 10.23
N MET A 230 2.18 -31.32 9.08
CA MET A 230 1.91 -32.32 8.05
C MET A 230 3.21 -32.94 7.53
N LEU A 231 4.20 -32.09 7.22
CA LEU A 231 5.51 -32.57 6.77
C LEU A 231 6.04 -33.54 7.81
N ARG A 232 5.95 -33.15 9.09
CA ARG A 232 6.43 -34.03 10.15
C ARG A 232 5.67 -35.36 10.16
N GLU A 233 4.34 -35.33 10.09
CA GLU A 233 3.58 -36.61 10.05
C GLU A 233 3.83 -37.45 8.79
N ASN A 234 4.24 -36.81 7.69
CA ASN A 234 4.61 -37.56 6.50
C ASN A 234 6.07 -37.99 6.52
N GLY A 235 6.76 -37.73 7.64
CA GLY A 235 8.18 -38.13 7.75
C GLY A 235 9.10 -37.46 6.73
N VAL A 236 8.77 -36.24 6.29
CA VAL A 236 9.52 -35.62 5.22
C VAL A 236 10.89 -35.17 5.71
N ASP A 237 11.91 -35.30 4.88
CA ASP A 237 13.26 -34.98 5.32
C ASP A 237 13.55 -33.47 5.22
N VAL A 238 12.95 -32.68 6.11
CA VAL A 238 12.96 -31.21 5.99
C VAL A 238 14.40 -30.70 6.17
N LYS A 239 15.12 -31.39 7.04
CA LYS A 239 16.50 -31.09 7.31
C LYS A 239 17.38 -31.20 6.04
N GLY A 240 17.20 -32.28 5.28
CA GLY A 240 17.88 -32.41 4.00
C GLY A 240 17.69 -31.20 3.12
N TYR A 241 16.44 -30.77 2.92
CA TYR A 241 16.21 -29.56 2.13
C TYR A 241 17.03 -28.41 2.62
N MET A 242 16.92 -28.10 3.93
CA MET A 242 17.47 -26.86 4.46
C MET A 242 19.01 -26.94 4.44
N GLU A 243 19.56 -28.12 4.73
CA GLU A 243 21.01 -28.30 4.73
C GLU A 243 21.63 -28.16 3.35
N LYS A 244 20.97 -28.68 2.32
CA LYS A 244 21.43 -28.42 0.97
C LYS A 244 21.45 -26.93 0.63
N MET A 245 20.86 -26.06 1.45
CA MET A 245 21.01 -24.62 1.18
C MET A 245 22.02 -23.92 2.07
N GLY A 246 22.78 -24.69 2.86
CA GLY A 246 23.70 -24.10 3.81
C GLY A 246 23.13 -23.70 5.16
N TYR A 247 21.85 -23.95 5.38
CA TYR A 247 21.24 -23.64 6.68
C TYR A 247 21.58 -24.57 7.83
N GLU A 248 21.95 -23.98 8.97
CA GLU A 248 22.22 -24.76 10.19
C GLU A 248 21.19 -24.48 11.29
N ILE A 249 20.24 -25.39 11.46
CA ILE A 249 19.17 -25.24 12.44
C ILE A 249 19.36 -26.39 13.41
N PRO A 250 19.59 -26.09 14.69
CA PRO A 250 20.05 -27.15 15.56
C PRO A 250 18.88 -28.02 15.94
N GLU A 251 17.66 -27.49 15.97
CA GLU A 251 16.56 -28.32 16.46
C GLU A 251 15.32 -28.17 15.60
N TYR A 252 14.91 -29.26 14.95
CA TYR A 252 13.78 -29.24 14.02
C TYR A 252 12.45 -29.53 14.75
N GLY A 253 12.54 -30.12 15.94
CA GLY A 253 11.35 -30.46 16.70
C GLY A 253 10.83 -29.26 17.48
N ILE A 254 10.37 -28.25 16.73
CA ILE A 254 9.83 -27.02 17.29
C ILE A 254 8.57 -26.60 16.53
N GLU A 255 7.46 -26.42 17.25
CA GLU A 255 6.17 -26.12 16.62
C GLU A 255 6.18 -24.88 15.74
N SER A 256 6.96 -23.88 16.15
CA SER A 256 6.95 -22.57 15.49
C SER A 256 8.10 -22.42 14.51
N LEU A 257 8.87 -23.49 14.32
CA LEU A 257 9.96 -23.47 13.32
C LEU A 257 9.62 -22.74 12.00
N PRO A 258 8.47 -23.05 11.39
CA PRO A 258 8.20 -22.49 10.08
C PRO A 258 7.91 -21.01 10.15
N MET A 259 7.77 -20.48 11.36
CA MET A 259 7.49 -19.06 11.55
C MET A 259 8.77 -18.35 11.91
N GLY A 260 9.85 -19.09 12.09
CA GLY A 260 11.13 -18.46 12.32
C GLY A 260 11.68 -18.80 13.68
N GLY A 261 10.98 -19.67 14.41
CA GLY A 261 11.33 -19.97 15.80
C GLY A 261 12.32 -21.10 15.87
N GLY A 262 13.45 -20.84 16.51
CA GLY A 262 14.55 -21.82 16.55
C GLY A 262 15.51 -21.68 15.37
N ILE A 263 15.41 -20.58 14.62
CA ILE A 263 16.28 -20.35 13.48
C ILE A 263 16.88 -18.96 13.60
N GLU A 264 18.17 -18.88 13.33
CA GLU A 264 18.89 -17.60 13.28
C GLU A 264 19.87 -17.63 12.10
N VAL A 265 19.87 -16.60 11.28
CA VAL A 265 20.65 -16.63 10.06
C VAL A 265 21.28 -15.26 9.75
N THR A 266 22.41 -15.26 9.05
CA THR A 266 22.97 -14.04 8.45
C THR A 266 22.19 -13.58 7.21
N VAL A 267 22.24 -12.29 6.86
CA VAL A 267 21.61 -11.88 5.59
C VAL A 267 22.27 -12.64 4.41
N ALA A 268 23.59 -12.85 4.47
CA ALA A 268 24.29 -13.56 3.41
C ALA A 268 23.74 -14.97 3.20
N GLN A 269 23.62 -15.75 4.28
CA GLN A 269 23.09 -17.11 4.14
C GLN A 269 21.63 -17.13 3.68
N HIS A 270 20.83 -16.21 4.17
CA HIS A 270 19.39 -16.29 3.94
C HIS A 270 19.11 -15.83 2.52
N THR A 271 19.87 -14.83 2.05
CA THR A 271 19.78 -14.41 0.66
C THR A 271 20.03 -15.62 -0.27
N ASN A 272 20.81 -16.60 0.19
CA ASN A 272 21.10 -17.81 -0.58
C ASN A 272 19.88 -18.74 -0.64
N GLY A 273 19.06 -18.75 0.41
CA GLY A 273 17.82 -19.49 0.36
C GLY A 273 16.92 -18.94 -0.73
N TYR A 274 16.74 -17.62 -0.74
CA TYR A 274 15.94 -16.99 -1.76
C TYR A 274 16.54 -17.14 -3.17
N GLN A 275 17.87 -17.22 -3.26
CA GLN A 275 18.49 -17.36 -4.56
C GLN A 275 18.06 -18.70 -5.14
N THR A 276 17.96 -19.69 -4.29
CA THR A 276 17.54 -21.03 -4.68
C THR A 276 16.10 -21.05 -5.24
N LEU A 277 15.15 -20.43 -4.55
CA LEU A 277 13.84 -20.28 -5.15
C LEU A 277 13.86 -19.56 -6.50
N ALA A 278 14.46 -18.37 -6.55
CA ALA A 278 14.55 -17.58 -7.80
C ALA A 278 15.20 -18.37 -8.93
N ASN A 279 16.31 -19.08 -8.65
CA ASN A 279 17.11 -19.77 -9.70
C ASN A 279 16.44 -21.06 -10.14
N ASN A 280 15.10 -21.02 -10.18
CA ASN A 280 14.28 -22.21 -10.44
C ASN A 280 14.60 -23.44 -9.61
N GLY A 281 14.87 -23.25 -8.32
CA GLY A 281 15.02 -24.41 -7.41
C GLY A 281 16.44 -24.93 -7.27
N VAL A 282 17.38 -24.32 -8.00
CA VAL A 282 18.78 -24.74 -8.01
C VAL A 282 19.62 -23.83 -7.11
N TYR A 283 20.15 -24.40 -6.02
CA TYR A 283 21.14 -23.71 -5.16
C TYR A 283 22.54 -23.54 -5.77
N HIS A 284 23.14 -22.37 -5.58
CA HIS A 284 24.57 -22.11 -5.78
C HIS A 284 25.12 -21.48 -4.51
N GLN A 285 26.24 -22.01 -4.03
CA GLN A 285 26.77 -21.53 -2.77
C GLN A 285 27.24 -20.09 -2.86
N LYS A 286 26.83 -19.30 -1.90
CA LYS A 286 27.24 -17.90 -1.82
C LYS A 286 28.74 -17.84 -1.63
N HIS A 287 29.35 -16.78 -2.15
CA HIS A 287 30.78 -16.61 -2.06
C HIS A 287 31.08 -15.20 -2.49
N VAL A 288 32.17 -14.70 -1.92
CA VAL A 288 32.69 -13.37 -2.14
C VAL A 288 34.09 -13.49 -2.75
N ILE A 289 34.74 -14.65 -2.57
CA ILE A 289 36.05 -14.93 -3.16
C ILE A 289 35.87 -15.96 -4.27
N SER A 290 36.32 -15.63 -5.47
CA SER A 290 36.29 -16.59 -6.57
C SER A 290 37.66 -17.24 -6.81
N LYS A 291 38.75 -16.55 -6.48
CA LYS A 291 40.09 -17.12 -6.68
C LYS A 291 41.20 -16.48 -5.82
N ILE A 292 42.17 -17.31 -5.41
CA ILE A 292 43.43 -16.86 -4.78
C ILE A 292 44.66 -17.40 -5.56
N GLU A 293 45.53 -16.52 -6.04
CA GLU A 293 46.67 -16.97 -6.83
C GLU A 293 47.95 -16.65 -6.08
N ALA A 294 48.92 -17.57 -6.19
CA ALA A 294 50.24 -17.41 -5.59
C ALA A 294 51.07 -16.47 -6.42
N ALA A 295 52.13 -15.92 -5.81
CA ALA A 295 53.07 -15.08 -6.55
C ALA A 295 53.40 -15.68 -7.93
N ASP A 296 53.69 -16.98 -7.97
CA ASP A 296 54.10 -17.69 -9.19
C ASP A 296 52.95 -17.89 -10.16
N GLY A 297 51.71 -17.85 -9.67
CA GLY A 297 50.56 -17.97 -10.54
C GLY A 297 49.72 -19.21 -10.30
N ARG A 298 50.17 -20.07 -9.38
CA ARG A 298 49.45 -21.31 -9.11
C ARG A 298 48.22 -21.06 -8.22
N VAL A 299 47.10 -21.70 -8.60
CA VAL A 299 45.80 -21.53 -7.96
C VAL A 299 45.77 -22.24 -6.60
N VAL A 300 45.87 -21.46 -5.55
CA VAL A 300 45.73 -21.92 -4.18
C VAL A 300 44.26 -22.28 -3.85
N TYR A 301 43.32 -21.42 -4.22
CA TYR A 301 41.89 -21.70 -4.13
C TYR A 301 41.15 -21.15 -5.34
N GLU A 302 40.25 -21.92 -5.92
CA GLU A 302 39.32 -21.37 -6.89
C GLU A 302 37.89 -21.93 -6.72
N TYR A 303 36.88 -21.07 -6.80
CA TYR A 303 35.49 -21.46 -6.55
C TYR A 303 35.00 -22.46 -7.58
N GLN A 304 34.52 -23.63 -7.15
CA GLN A 304 33.87 -24.61 -8.06
C GLN A 304 32.35 -24.68 -7.91
N ASP A 305 31.66 -24.37 -9.00
CA ASP A 305 30.21 -24.56 -9.16
C ASP A 305 29.75 -25.94 -8.71
N LYS A 306 28.95 -26.01 -7.66
CA LYS A 306 28.23 -27.25 -7.36
C LYS A 306 26.74 -26.95 -7.25
N PRO A 307 26.11 -26.63 -8.37
CA PRO A 307 24.65 -26.52 -8.40
C PRO A 307 23.96 -27.71 -7.74
N VAL A 308 22.88 -27.49 -6.99
CA VAL A 308 22.04 -28.59 -6.50
C VAL A 308 20.54 -28.31 -6.74
N GLN A 309 19.82 -29.26 -7.37
CA GLN A 309 18.36 -29.14 -7.45
C GLN A 309 17.66 -29.39 -6.10
N VAL A 310 17.50 -28.34 -5.30
CA VAL A 310 16.95 -28.50 -3.96
C VAL A 310 15.43 -28.70 -4.00
N TYR A 311 14.76 -27.83 -4.77
CA TYR A 311 13.34 -27.96 -5.02
C TYR A 311 13.24 -28.28 -6.51
N SER A 312 12.26 -29.09 -6.91
CA SER A 312 12.00 -29.30 -8.34
C SER A 312 11.69 -27.99 -9.10
N LYS A 313 11.94 -27.94 -10.40
CA LYS A 313 11.54 -26.75 -11.17
C LYS A 313 10.03 -26.44 -11.08
N ALA A 314 9.20 -27.47 -11.06
CA ALA A 314 7.78 -27.19 -10.83
C ALA A 314 7.61 -26.40 -9.53
N THR A 315 8.24 -26.87 -8.45
CA THR A 315 8.07 -26.24 -7.15
C THR A 315 8.58 -24.79 -7.11
N ALA A 316 9.79 -24.57 -7.58
CA ALA A 316 10.38 -23.25 -7.51
C ALA A 316 9.53 -22.28 -8.30
N THR A 317 9.07 -22.71 -9.47
CA THR A 317 8.43 -21.76 -10.37
C THR A 317 7.01 -21.50 -9.92
N ILE A 318 6.36 -22.50 -9.34
CA ILE A 318 5.06 -22.24 -8.64
C ILE A 318 5.21 -21.25 -7.49
N MET A 319 6.29 -21.38 -6.74
CA MET A 319 6.53 -20.48 -5.62
C MET A 319 6.88 -19.05 -6.09
N GLN A 320 7.62 -18.94 -7.19
CA GLN A 320 7.85 -17.64 -7.79
C GLN A 320 6.51 -16.89 -8.05
N GLY A 321 5.51 -17.62 -8.52
CA GLY A 321 4.21 -17.01 -8.83
C GLY A 321 3.49 -16.53 -7.58
N LEU A 322 3.59 -17.28 -6.48
CA LEU A 322 2.99 -16.90 -5.22
C LEU A 322 3.74 -15.71 -4.61
N LEU A 323 5.05 -15.76 -4.69
CA LEU A 323 5.86 -14.69 -4.19
C LEU A 323 5.76 -13.37 -5.01
N ARG A 324 5.55 -13.44 -6.33
CA ARG A 324 5.20 -12.25 -7.10
C ARG A 324 3.98 -11.57 -6.47
N GLU A 325 3.01 -12.34 -5.99
CA GLU A 325 1.79 -11.67 -5.48
C GLU A 325 1.87 -11.13 -4.08
N VAL A 326 2.78 -11.76 -3.32
CA VAL A 326 3.11 -11.24 -1.99
C VAL A 326 3.46 -9.76 -2.07
N LEU A 327 4.24 -9.38 -3.11
CA LEU A 327 4.66 -7.97 -3.33
C LEU A 327 3.59 -7.09 -4.00
N SER A 328 2.90 -7.62 -5.01
CA SER A 328 1.89 -6.85 -5.73
C SER A 328 0.65 -6.65 -4.88
N SER A 329 0.28 -7.63 -4.05
CA SER A 329 -0.81 -7.40 -3.08
C SER A 329 -0.55 -6.28 -2.03
N ARG A 330 0.71 -5.98 -1.76
CA ARG A 330 1.08 -4.86 -0.89
C ARG A 330 0.61 -4.99 0.55
N VAL A 331 0.17 -6.17 0.94
CA VAL A 331 -0.39 -6.35 2.27
C VAL A 331 0.63 -6.11 3.39
N THR A 332 1.81 -6.71 3.27
CA THR A 332 2.80 -6.60 4.33
C THR A 332 4.04 -5.82 3.91
N THR A 333 4.03 -5.24 2.70
CA THR A 333 5.06 -4.31 2.30
C THR A 333 4.61 -3.31 1.24
N THR A 334 4.94 -2.05 1.46
CA THR A 334 4.66 -0.96 0.48
C THR A 334 5.64 -0.91 -0.71
N PHE A 335 6.51 -1.92 -0.80
CA PHE A 335 7.66 -1.88 -1.71
C PHE A 335 7.30 -1.50 -3.17
N LYS A 336 6.42 -2.27 -3.82
CA LYS A 336 6.09 -2.06 -5.24
C LYS A 336 5.63 -0.61 -5.47
N SER A 337 4.86 -0.05 -4.54
CA SER A 337 4.43 1.36 -4.58
C SER A 337 5.63 2.29 -4.44
N ASN A 338 6.50 2.02 -3.44
CA ASN A 338 7.69 2.83 -3.23
C ASN A 338 8.52 2.90 -4.50
N LEU A 339 8.75 1.75 -5.12
CA LEU A 339 9.65 1.64 -6.25
C LEU A 339 9.00 2.28 -7.47
N THR A 340 7.67 2.27 -7.50
CA THR A 340 6.95 2.71 -8.69
C THR A 340 7.17 4.17 -8.75
N SER A 341 7.09 4.81 -7.58
CA SER A 341 7.29 6.27 -7.53
C SER A 341 8.74 6.69 -7.84
N LEU A 342 9.71 5.89 -7.41
CA LEU A 342 11.09 6.24 -7.71
C LEU A 342 11.51 5.89 -9.10
N ASN A 343 11.04 4.76 -9.66
CA ASN A 343 11.49 4.34 -11.01
C ASN A 343 10.48 3.37 -11.62
N PRO A 344 9.50 3.90 -12.37
CA PRO A 344 8.33 3.09 -12.77
C PRO A 344 8.72 1.98 -13.74
N THR A 345 9.69 2.24 -14.61
CA THR A 345 10.26 1.21 -15.47
C THR A 345 10.83 0.04 -14.69
N LEU A 346 11.67 0.37 -13.71
CA LEU A 346 12.29 -0.63 -12.87
C LEU A 346 11.25 -1.40 -12.06
N ALA A 347 10.19 -0.73 -11.69
CA ALA A 347 9.16 -1.40 -10.91
C ALA A 347 8.45 -2.45 -11.73
N ASN A 348 8.57 -2.36 -13.05
CA ASN A 348 7.97 -3.34 -13.95
C ASN A 348 8.76 -4.61 -14.17
N ALA A 349 9.98 -4.67 -13.66
CA ALA A 349 10.73 -5.93 -13.70
C ALA A 349 9.91 -6.98 -12.92
N ASP A 350 10.28 -8.24 -13.04
CA ASP A 350 9.42 -9.27 -12.47
C ASP A 350 9.82 -9.56 -11.02
N TRP A 351 9.43 -8.68 -10.11
CA TRP A 351 9.78 -8.76 -8.66
C TRP A 351 8.98 -9.83 -7.93
N ILE A 352 9.66 -10.66 -7.15
CA ILE A 352 9.00 -11.52 -6.20
C ILE A 352 9.66 -11.39 -4.83
N GLY A 353 8.97 -11.82 -3.79
CA GLY A 353 9.52 -11.58 -2.46
C GLY A 353 8.66 -11.93 -1.28
N LYS A 354 9.18 -11.63 -0.10
CA LYS A 354 8.53 -12.01 1.14
C LYS A 354 9.13 -11.17 2.28
N THR A 355 8.26 -10.79 3.23
CA THR A 355 8.62 -10.00 4.40
C THR A 355 8.71 -10.92 5.60
N GLY A 356 9.45 -10.49 6.62
CA GLY A 356 9.41 -11.15 7.92
C GLY A 356 9.35 -10.09 9.03
N THR A 357 8.78 -10.45 10.18
CA THR A 357 8.68 -9.56 11.33
C THR A 357 8.77 -10.48 12.57
N THR A 358 9.75 -10.27 13.44
CA THR A 358 9.78 -11.08 14.66
C THR A 358 8.69 -10.63 15.68
N GLY A 359 8.46 -11.42 16.72
CA GLY A 359 7.26 -11.27 17.52
C GLY A 359 7.08 -9.92 18.19
N GLN A 360 8.16 -9.24 18.58
CA GLN A 360 8.01 -7.91 19.17
C GLN A 360 8.56 -6.83 18.25
N ASP A 361 8.59 -7.11 16.96
CA ASP A 361 9.06 -6.09 16.03
C ASP A 361 10.56 -5.79 16.23
N GLU A 362 11.30 -6.72 16.81
CA GLU A 362 12.74 -6.57 16.90
C GLU A 362 13.49 -6.60 15.56
N ASN A 363 12.99 -7.35 14.59
CA ASN A 363 13.71 -7.56 13.33
C ASN A 363 12.76 -7.56 12.16
N MET A 364 13.16 -6.94 11.07
CA MET A 364 12.32 -6.95 9.88
C MET A 364 13.21 -7.43 8.77
N TRP A 365 12.61 -8.20 7.86
CA TRP A 365 13.32 -8.69 6.69
C TRP A 365 12.53 -8.39 5.46
N LEU A 366 13.18 -8.05 4.34
CA LEU A 366 12.50 -8.09 3.07
C LEU A 366 13.49 -8.68 2.06
N MET A 367 13.12 -9.82 1.49
CA MET A 367 13.90 -10.48 0.48
C MET A 367 13.25 -10.24 -0.88
N LEU A 368 14.02 -9.75 -1.84
CA LEU A 368 13.53 -9.48 -3.17
C LEU A 368 14.36 -10.20 -4.26
N SER A 369 13.72 -10.59 -5.36
CA SER A 369 14.41 -11.28 -6.49
C SER A 369 13.76 -10.87 -7.79
N THR A 370 14.59 -10.60 -8.79
CA THR A 370 14.19 -10.77 -10.21
C THR A 370 14.84 -12.07 -10.67
N PRO A 371 14.58 -12.54 -11.90
CA PRO A 371 15.26 -13.76 -12.35
C PRO A 371 16.77 -13.67 -12.30
N ARG A 372 17.35 -12.51 -12.59
CA ARG A 372 18.81 -12.43 -12.45
C ARG A 372 19.38 -12.32 -11.06
N LEU A 373 18.77 -11.48 -10.20
CA LEU A 373 19.40 -11.11 -8.91
C LEU A 373 18.53 -11.41 -7.69
N THR A 374 19.14 -11.65 -6.53
CA THR A 374 18.41 -11.56 -5.25
C THR A 374 18.98 -10.52 -4.31
N LEU A 375 18.11 -9.77 -3.66
CA LEU A 375 18.51 -8.75 -2.69
C LEU A 375 17.90 -9.05 -1.32
N GLY A 376 18.74 -9.48 -0.38
CA GLY A 376 18.25 -9.75 0.95
C GLY A 376 18.41 -8.48 1.78
N GLY A 377 17.51 -8.29 2.75
CA GLY A 377 17.52 -7.08 3.59
C GLY A 377 16.98 -7.35 4.98
N TRP A 378 17.76 -6.95 5.97
CA TRP A 378 17.36 -7.07 7.36
C TRP A 378 17.49 -5.66 7.98
N ILE A 379 16.66 -5.35 8.97
CA ILE A 379 16.92 -4.24 9.88
C ILE A 379 16.50 -4.62 11.31
N GLY A 380 16.98 -3.84 12.28
CA GLY A 380 16.92 -4.23 13.67
C GLY A 380 17.93 -3.43 14.47
N HIS A 381 17.99 -3.71 15.75
CA HIS A 381 18.90 -3.01 16.63
C HIS A 381 19.95 -3.99 17.07
N ASP A 382 21.18 -3.52 17.28
CA ASP A 382 22.23 -4.41 17.77
C ASP A 382 21.92 -5.11 19.11
N ASP A 383 21.26 -4.42 20.03
CA ASP A 383 20.88 -5.02 21.34
C ASP A 383 19.46 -5.63 21.34
N ASN A 384 18.89 -5.85 20.16
CA ASN A 384 17.64 -6.61 20.01
C ASN A 384 16.33 -6.01 20.56
N HIS A 385 16.26 -4.69 20.70
CA HIS A 385 15.01 -4.05 21.12
C HIS A 385 14.06 -3.68 19.95
N SER A 386 12.79 -3.48 20.29
CA SER A 386 11.73 -3.29 19.30
C SER A 386 11.92 -2.09 18.38
N LEU A 387 11.65 -2.31 17.08
CA LEU A 387 11.47 -1.24 16.12
C LEU A 387 10.05 -0.71 16.28
N SER A 388 9.77 0.35 15.53
CA SER A 388 8.41 0.83 15.41
C SER A 388 7.63 -0.19 14.64
N GLN A 389 6.32 0.01 14.63
CA GLN A 389 5.42 -1.04 14.19
C GLN A 389 5.38 -1.18 12.67
N GLN A 390 5.65 -0.09 11.97
CA GLN A 390 5.64 -0.07 10.52
C GLN A 390 7.06 -0.05 9.95
N ALA A 391 8.05 -0.40 10.78
CA ALA A 391 9.44 -0.34 10.35
C ALA A 391 9.67 -1.19 9.11
N GLY A 392 9.11 -2.41 9.10
CA GLY A 392 9.28 -3.35 7.99
C GLY A 392 8.32 -3.05 6.85
N TYR A 393 7.06 -2.78 7.20
CA TYR A 393 6.00 -2.62 6.20
C TYR A 393 6.26 -1.39 5.35
N SER A 394 6.68 -0.32 6.03
CA SER A 394 6.97 0.94 5.34
C SER A 394 8.47 1.32 5.24
N ASN A 395 9.13 1.51 6.38
CA ASN A 395 10.49 2.05 6.36
C ASN A 395 11.49 1.24 5.56
N ASN A 396 11.61 -0.02 5.92
CA ASN A 396 12.48 -0.93 5.17
C ASN A 396 12.11 -1.08 3.68
N SER A 397 10.82 -1.18 3.39
CA SER A 397 10.40 -1.25 1.98
C SER A 397 10.80 0.02 1.18
N ASN A 398 10.60 1.21 1.77
CA ASN A 398 10.99 2.46 1.12
C ASN A 398 12.53 2.49 0.90
N TYR A 399 13.26 2.11 1.93
CA TYR A 399 14.72 2.10 1.87
C TYR A 399 15.20 1.16 0.77
N MET A 400 14.65 -0.05 0.76
CA MET A 400 15.07 -1.04 -0.24
C MET A 400 14.74 -0.62 -1.69
N ALA A 401 13.62 0.10 -1.86
CA ALA A 401 13.23 0.60 -3.15
C ALA A 401 14.30 1.59 -3.62
N HIS A 402 14.80 2.46 -2.72
CA HIS A 402 15.94 3.34 -3.04
C HIS A 402 17.23 2.57 -3.30
N LEU A 403 17.51 1.56 -2.48
CA LEU A 403 18.71 0.77 -2.71
C LEU A 403 18.64 0.17 -4.11
N VAL A 404 17.49 -0.43 -4.40
CA VAL A 404 17.27 -1.16 -5.65
C VAL A 404 17.40 -0.20 -6.83
N ASN A 405 16.91 1.02 -6.65
CA ASN A 405 17.14 2.06 -7.64
C ASN A 405 18.59 2.45 -7.80
N ALA A 406 19.30 2.47 -6.68
CA ALA A 406 20.68 2.89 -6.71
C ALA A 406 21.51 1.85 -7.46
N ILE A 407 21.20 0.56 -7.26
CA ILE A 407 21.91 -0.50 -7.99
C ILE A 407 21.65 -0.37 -9.51
N GLN A 408 20.39 -0.14 -9.89
CA GLN A 408 19.98 0.10 -11.29
C GLN A 408 20.73 1.24 -11.97
N GLN A 409 20.78 2.42 -11.34
CA GLN A 409 21.53 3.55 -11.89
C GLN A 409 22.98 3.22 -12.17
N ALA A 410 23.60 2.43 -11.31
CA ALA A 410 25.04 2.20 -11.42
C ALA A 410 25.32 1.08 -12.43
N SER A 411 24.31 0.27 -12.71
CA SER A 411 24.49 -0.89 -13.59
C SER A 411 23.15 -1.20 -14.25
N PRO A 412 22.83 -0.45 -15.31
CA PRO A 412 21.43 -0.31 -15.72
C PRO A 412 20.77 -1.58 -16.27
N SER A 413 21.51 -2.60 -16.67
CA SER A 413 20.78 -3.82 -17.03
C SER A 413 20.95 -4.98 -16.08
N ILE A 414 21.49 -4.72 -14.89
CA ILE A 414 21.85 -5.82 -13.97
C ILE A 414 20.63 -6.53 -13.42
N TRP A 415 19.53 -5.80 -13.22
CA TRP A 415 18.31 -6.39 -12.68
C TRP A 415 17.65 -7.31 -13.70
N GLY A 416 17.72 -6.90 -14.97
CA GLY A 416 17.18 -7.67 -16.09
C GLY A 416 15.68 -7.51 -16.30
N ASN A 417 15.21 -7.81 -17.51
CA ASN A 417 13.78 -7.71 -17.77
C ASN A 417 13.04 -9.02 -17.97
N GLU A 418 13.69 -10.13 -17.63
CA GLU A 418 13.12 -11.46 -17.79
C GLU A 418 11.91 -11.62 -16.88
N ARG A 419 11.01 -12.52 -17.25
CA ARG A 419 9.91 -12.94 -16.35
C ARG A 419 10.28 -14.31 -15.80
N PHE A 420 9.91 -14.55 -14.55
CA PHE A 420 9.69 -15.86 -13.99
C PHE A 420 8.53 -16.53 -14.74
N ALA A 421 8.59 -17.83 -14.92
CA ALA A 421 7.56 -18.53 -15.68
C ALA A 421 7.45 -19.98 -15.18
N LEU A 422 6.22 -20.48 -15.06
CA LEU A 422 5.94 -21.89 -14.71
C LEU A 422 6.72 -22.87 -15.58
N ASP A 423 7.48 -23.76 -14.97
CA ASP A 423 8.13 -24.81 -15.72
C ASP A 423 7.05 -25.66 -16.47
N PRO A 424 7.42 -26.26 -17.60
CA PRO A 424 6.50 -27.14 -18.33
C PRO A 424 6.14 -28.40 -17.52
N SER A 425 7.03 -28.83 -16.62
CA SER A 425 6.76 -29.99 -15.79
C SER A 425 5.68 -29.76 -14.75
N VAL A 426 5.22 -28.53 -14.61
CA VAL A 426 4.20 -28.20 -13.64
C VAL A 426 2.91 -28.84 -14.09
N VAL A 427 2.04 -29.22 -13.15
CA VAL A 427 0.72 -29.78 -13.53
C VAL A 427 -0.42 -28.91 -13.07
N LYS A 428 -1.37 -28.64 -13.97
CA LYS A 428 -2.48 -27.72 -13.73
C LYS A 428 -3.79 -28.44 -13.48
N SER A 429 -4.47 -28.12 -12.39
CA SER A 429 -5.70 -28.83 -12.11
C SER A 429 -6.84 -27.85 -11.94
N GLU A 430 -8.00 -28.17 -12.51
CA GLU A 430 -9.24 -27.44 -12.21
CA GLU A 430 -9.21 -27.43 -12.20
C GLU A 430 -9.80 -27.89 -10.85
N VAL A 431 -9.85 -26.97 -9.89
CA VAL A 431 -10.31 -27.28 -8.52
C VAL A 431 -11.40 -26.30 -8.08
N LEU A 432 -12.16 -26.67 -7.05
CA LEU A 432 -13.18 -25.78 -6.48
C LEU A 432 -12.46 -24.73 -5.70
N LYS A 433 -12.75 -23.47 -5.99
CA LYS A 433 -12.17 -22.41 -5.20
C LYS A 433 -12.38 -22.67 -3.70
N SER A 434 -13.56 -23.20 -3.34
CA SER A 434 -13.93 -23.45 -1.93
C SER A 434 -13.08 -24.52 -1.22
N THR A 435 -12.62 -25.53 -1.94
CA THR A 435 -11.92 -26.65 -1.32
C THR A 435 -10.47 -26.89 -1.75
N GLY A 436 -10.04 -26.23 -2.82
CA GLY A 436 -8.69 -26.47 -3.36
C GLY A 436 -8.57 -27.80 -4.10
N GLN A 437 -9.70 -28.47 -4.31
CA GLN A 437 -9.68 -29.84 -4.83
C GLN A 437 -10.79 -30.09 -5.84
N LYS A 438 -10.55 -31.03 -6.74
CA LYS A 438 -11.47 -31.34 -7.81
C LYS A 438 -12.91 -31.54 -7.29
N PRO A 439 -13.89 -31.14 -8.12
CA PRO A 439 -15.32 -31.25 -7.74
C PRO A 439 -15.71 -32.73 -7.53
N GLY A 440 -16.52 -33.03 -6.52
CA GLY A 440 -16.82 -34.42 -6.18
C GLY A 440 -18.03 -34.60 -5.28
N LYS A 441 -18.52 -35.85 -5.19
CA LYS A 441 -19.37 -36.22 -4.06
C LYS A 441 -18.49 -36.28 -2.76
N VAL A 442 -19.01 -35.74 -1.67
CA VAL A 442 -18.39 -35.87 -0.34
C VAL A 442 -19.46 -36.21 0.69
N SER A 443 -19.10 -36.99 1.70
CA SER A 443 -20.03 -37.28 2.78
C SER A 443 -20.01 -36.14 3.78
N VAL A 444 -21.14 -35.45 3.97
CA VAL A 444 -21.25 -34.48 5.06
C VAL A 444 -22.25 -34.86 6.16
N GLU A 445 -21.82 -35.75 7.04
CA GLU A 445 -22.62 -36.18 8.19
C GLU A 445 -23.94 -36.70 7.70
N GLY A 446 -23.97 -37.99 7.37
CA GLY A 446 -25.14 -38.64 6.78
C GLY A 446 -25.17 -38.42 5.29
N LYS A 447 -26.13 -37.61 4.86
CA LYS A 447 -26.21 -37.07 3.49
C LYS A 447 -24.86 -36.89 2.75
N GLU A 448 -24.73 -37.59 1.62
CA GLU A 448 -23.70 -37.32 0.62
C GLU A 448 -24.07 -36.10 -0.24
N VAL A 449 -23.07 -35.24 -0.50
CA VAL A 449 -23.29 -34.00 -1.24
C VAL A 449 -22.61 -34.02 -2.62
N GLU A 450 -23.25 -33.38 -3.59
CA GLU A 450 -22.60 -33.09 -4.87
C GLU A 450 -21.90 -31.74 -4.78
N VAL A 451 -20.59 -31.73 -4.58
CA VAL A 451 -19.88 -30.47 -4.39
C VAL A 451 -19.61 -29.69 -5.69
N THR A 452 -20.16 -28.49 -5.73
CA THR A 452 -20.30 -27.68 -6.95
C THR A 452 -19.89 -26.25 -6.65
N GLY A 453 -19.55 -25.47 -7.68
CA GLY A 453 -19.14 -24.06 -7.47
C GLY A 453 -18.02 -23.57 -8.38
N SER A 454 -17.60 -22.31 -8.22
CA SER A 454 -16.49 -21.73 -9.00
C SER A 454 -15.20 -22.58 -8.96
N THR A 455 -14.56 -22.76 -10.12
CA THR A 455 -13.27 -23.45 -10.21
C THR A 455 -12.09 -22.51 -10.47
N VAL A 456 -10.88 -22.95 -10.09
CA VAL A 456 -9.65 -22.23 -10.40
C VAL A 456 -8.60 -23.20 -10.95
N THR A 457 -7.64 -22.69 -11.72
CA THR A 457 -6.46 -23.51 -12.02
C THR A 457 -5.50 -23.60 -10.82
N SER A 458 -5.28 -24.82 -10.33
CA SER A 458 -4.30 -25.03 -9.25
C SER A 458 -3.03 -25.68 -9.80
N TYR A 459 -1.88 -25.14 -9.41
CA TYR A 459 -0.60 -25.67 -9.86
C TYR A 459 0.00 -26.62 -8.85
N TRP A 460 0.48 -27.75 -9.35
CA TRP A 460 1.04 -28.84 -8.53
C TRP A 460 2.41 -29.24 -9.08
N ALA A 461 3.30 -29.68 -8.18
CA ALA A 461 4.57 -30.27 -8.60
C ALA A 461 4.65 -31.78 -8.38
N ASN A 462 3.55 -32.50 -8.47
CA ASN A 462 3.58 -33.95 -8.53
C ASN A 462 3.26 -34.44 -9.96
N LYS A 463 2.98 -35.73 -10.12
CA LYS A 463 2.53 -36.32 -11.39
C LYS A 463 1.07 -36.05 -11.75
N SER A 464 0.15 -36.12 -10.79
CA SER A 464 -1.26 -36.25 -11.15
C SER A 464 -2.18 -35.06 -10.82
N GLY A 465 -1.62 -33.97 -10.32
CA GLY A 465 -2.42 -32.81 -9.98
C GLY A 465 -3.09 -32.95 -8.62
N ALA A 466 -4.16 -32.19 -8.40
CA ALA A 466 -4.90 -32.23 -7.14
C ALA A 466 -5.70 -33.52 -7.05
N PRO A 467 -6.01 -33.99 -5.85
CA PRO A 467 -6.97 -35.10 -5.67
C PRO A 467 -8.40 -34.59 -5.77
N ALA A 468 -9.36 -35.51 -5.78
CA ALA A 468 -10.78 -35.17 -5.66
C ALA A 468 -11.05 -34.50 -4.30
N THR A 469 -12.20 -33.83 -4.16
CA THR A 469 -12.53 -33.16 -2.89
C THR A 469 -12.80 -34.20 -1.82
N SER A 470 -12.16 -34.06 -0.67
CA SER A 470 -12.43 -34.91 0.48
C SER A 470 -13.13 -34.09 1.54
N TYR A 471 -13.72 -34.77 2.50
CA TYR A 471 -14.22 -34.08 3.67
C TYR A 471 -13.14 -33.21 4.34
N ARG A 472 -11.97 -33.78 4.55
CA ARG A 472 -10.90 -33.06 5.21
C ARG A 472 -10.06 -32.40 4.14
N PHE A 473 -10.60 -31.36 3.51
CA PHE A 473 -9.99 -30.85 2.27
C PHE A 473 -8.79 -29.92 2.49
N ALA A 474 -8.64 -29.38 3.69
CA ALA A 474 -7.68 -28.30 3.91
C ALA A 474 -6.44 -28.82 4.61
N ILE A 475 -5.38 -28.02 4.63
CA ILE A 475 -4.23 -28.37 5.44
C ILE A 475 -4.53 -27.89 6.87
N GLY A 476 -4.85 -28.83 7.76
CA GLY A 476 -5.18 -28.47 9.14
C GLY A 476 -6.70 -28.44 9.37
N GLY A 477 -7.09 -28.10 10.60
CA GLY A 477 -8.49 -27.86 10.95
C GLY A 477 -9.01 -28.90 11.94
N SER A 478 -9.65 -28.45 13.02
CA SER A 478 -10.38 -29.36 13.89
C SER A 478 -11.70 -29.81 13.28
N ASP A 479 -12.26 -30.88 13.84
CA ASP A 479 -13.63 -31.29 13.55
C ASP A 479 -14.58 -30.10 13.50
N ALA A 480 -14.72 -29.40 14.62
CA ALA A 480 -15.58 -28.23 14.67
C ALA A 480 -15.29 -27.30 13.48
N ASP A 481 -14.02 -26.98 13.24
CA ASP A 481 -13.67 -26.08 12.13
C ASP A 481 -14.29 -26.60 10.84
N TYR A 482 -14.08 -27.88 10.56
CA TYR A 482 -14.64 -28.46 9.37
C TYR A 482 -16.16 -28.36 9.32
N GLN A 483 -16.81 -28.47 10.48
CA GLN A 483 -18.27 -28.44 10.52
C GLN A 483 -18.70 -27.08 10.04
N ASN A 484 -18.11 -26.08 10.66
CA ASN A 484 -18.30 -24.71 10.26
C ASN A 484 -17.99 -24.42 8.78
N ALA A 485 -16.84 -24.84 8.28
CA ALA A 485 -16.51 -24.57 6.88
C ALA A 485 -17.49 -25.23 5.92
N TRP A 486 -17.85 -26.46 6.22
CA TRP A 486 -18.68 -27.21 5.30
C TRP A 486 -20.14 -26.74 5.31
N SER A 487 -20.58 -26.10 6.38
CA SER A 487 -21.94 -25.60 6.37
C SER A 487 -22.10 -24.37 5.47
N SER A 488 -21.06 -23.55 5.36
CA SER A 488 -21.08 -22.46 4.36
C SER A 488 -20.90 -22.93 2.91
N ILE A 489 -19.89 -23.76 2.67
CA ILE A 489 -19.81 -24.45 1.39
C ILE A 489 -21.21 -24.96 1.02
N VAL A 490 -21.84 -25.74 1.92
CA VAL A 490 -23.15 -26.34 1.65
C VAL A 490 -24.20 -25.23 1.43
N GLY A 491 -24.28 -24.29 2.38
CA GLY A 491 -25.02 -23.04 2.21
C GLY A 491 -25.09 -22.43 0.81
N SER A 492 -24.00 -22.51 0.04
CA SER A 492 -24.00 -21.99 -1.33
C SER A 492 -23.96 -23.02 -2.45
N LEU A 493 -24.54 -24.03 -2.24
CA LEU A 493 -24.96 -24.71 -3.47
C LEU A 493 -26.47 -24.57 -3.68
N ILE B 5 -6.77 48.55 -22.57
CA ILE B 5 -6.89 47.06 -22.44
C ILE B 5 -7.23 46.68 -21.01
N SER B 6 -8.22 45.80 -20.84
CA SER B 6 -8.40 45.11 -19.56
C SER B 6 -7.28 44.10 -19.28
N GLU B 7 -7.06 43.80 -18.00
CA GLU B 7 -5.98 42.88 -17.61
C GLU B 7 -6.42 41.84 -16.57
N ILE B 8 -6.05 40.59 -16.79
CA ILE B 8 -6.24 39.56 -15.78
C ILE B 8 -4.91 39.24 -15.10
N THR B 9 -4.87 39.37 -13.78
CA THR B 9 -3.62 39.21 -13.05
C THR B 9 -3.62 37.97 -12.14
N TYR B 10 -2.43 37.39 -11.88
CA TYR B 10 -2.24 36.48 -10.75
C TYR B 10 -2.52 37.20 -9.43
N SER B 11 -2.64 36.42 -8.35
CA SER B 11 -2.98 36.99 -7.04
C SER B 11 -2.05 38.12 -6.63
N ASP B 12 -0.81 38.08 -7.10
CA ASP B 12 0.20 39.08 -6.71
C ASP B 12 0.23 40.32 -7.62
N GLY B 13 -0.57 40.35 -8.67
CA GLY B 13 -0.60 41.53 -9.51
C GLY B 13 0.07 41.30 -10.86
N THR B 14 0.91 40.27 -10.97
CA THR B 14 1.49 39.92 -12.27
C THR B 14 0.41 39.67 -13.31
N VAL B 15 0.67 40.14 -14.53
CA VAL B 15 -0.36 40.11 -15.59
C VAL B 15 -0.37 38.69 -16.14
N ILE B 16 -1.55 38.08 -16.18
CA ILE B 16 -1.75 36.80 -16.88
C ILE B 16 -1.91 37.11 -18.36
N ALA B 17 -2.71 38.13 -18.68
CA ALA B 17 -3.10 38.46 -20.06
C ALA B 17 -3.80 39.83 -20.15
N SER B 18 -3.78 40.40 -21.34
CA SER B 18 -4.69 41.51 -21.60
C SER B 18 -5.88 41.04 -22.45
N ILE B 19 -7.04 41.63 -22.21
CA ILE B 19 -8.25 41.33 -23.01
C ILE B 19 -8.61 42.47 -23.96
N GLU B 20 -8.48 42.20 -25.26
CA GLU B 20 -8.96 43.07 -26.32
C GLU B 20 -10.21 42.46 -26.97
N SER B 21 -10.77 43.18 -27.92
CA SER B 21 -11.69 42.63 -28.92
C SER B 21 -10.93 41.66 -29.81
N ASP B 22 -11.50 40.48 -30.06
CA ASP B 22 -10.92 39.57 -31.05
C ASP B 22 -11.06 40.09 -32.49
N LEU B 23 -10.18 39.66 -33.39
CA LEU B 23 -10.50 39.68 -34.82
C LEU B 23 -11.61 38.63 -35.10
N LEU B 24 -12.18 38.62 -36.31
CA LEU B 24 -13.49 38.00 -36.53
C LEU B 24 -13.44 36.48 -36.88
N SER B 38 -2.28 33.19 -22.89
CA SER B 38 -3.63 33.48 -23.39
C SER B 38 -4.11 32.50 -24.47
N ARG B 39 -3.42 31.36 -24.57
CA ARG B 39 -3.90 30.19 -25.32
C ARG B 39 -4.10 29.00 -24.37
N ASP B 40 -4.47 29.27 -23.12
CA ASP B 40 -4.46 28.24 -22.09
C ASP B 40 -5.70 28.17 -21.20
N TYR B 41 -5.74 27.11 -20.40
CA TYR B 41 -6.82 26.89 -19.45
C TYR B 41 -6.94 28.10 -18.54
N LEU B 42 -5.80 28.57 -18.01
CA LEU B 42 -5.74 29.74 -17.10
C LEU B 42 -6.49 30.96 -17.68
N TYR B 43 -6.13 31.30 -18.93
CA TYR B 43 -6.84 32.36 -19.67
C TYR B 43 -8.35 32.22 -19.71
N PHE B 44 -8.83 31.14 -20.33
CA PHE B 44 -10.26 30.97 -20.54
C PHE B 44 -11.02 30.82 -19.24
N THR B 45 -10.37 30.22 -18.25
CA THR B 45 -11.06 29.92 -17.00
C THR B 45 -11.30 31.21 -16.22
N THR B 46 -10.25 32.01 -16.09
CA THR B 46 -10.32 33.25 -15.34
C THR B 46 -11.20 34.32 -16.04
N LEU B 47 -11.09 34.42 -17.37
CA LEU B 47 -11.98 35.27 -18.17
C LEU B 47 -13.44 34.83 -18.02
N ALA B 48 -13.66 33.51 -18.09
CA ALA B 48 -15.03 33.01 -17.97
C ALA B 48 -15.66 33.40 -16.65
N GLU B 49 -14.93 33.27 -15.54
CA GLU B 49 -15.49 33.69 -14.22
C GLU B 49 -15.66 35.19 -14.04
N ALA B 50 -14.63 35.94 -14.45
CA ALA B 50 -14.72 37.41 -14.54
C ALA B 50 -15.98 37.91 -15.28
N GLN B 51 -16.29 37.29 -16.42
CA GLN B 51 -17.48 37.62 -17.17
C GLN B 51 -18.78 37.33 -16.44
N GLU B 52 -18.79 36.23 -15.69
CA GLU B 52 -19.94 35.87 -14.85
C GLU B 52 -20.10 36.92 -13.76
N ARG B 53 -18.97 37.38 -13.22
CA ARG B 53 -18.97 38.38 -12.15
C ARG B 53 -19.48 39.72 -12.69
N MET B 54 -19.06 40.05 -13.90
CA MET B 54 -19.49 41.29 -14.56
C MET B 54 -20.98 41.19 -14.95
N TYR B 55 -21.40 39.99 -15.32
CA TYR B 55 -22.81 39.74 -15.65
C TYR B 55 -23.72 40.09 -14.46
N ASP B 56 -23.37 39.60 -13.27
CA ASP B 56 -24.14 39.85 -12.04
C ASP B 56 -24.15 41.32 -11.69
N TYR B 57 -23.00 41.97 -11.87
CA TYR B 57 -22.88 43.38 -11.58
C TYR B 57 -23.73 44.23 -12.53
N LEU B 58 -23.68 43.91 -13.82
CA LEU B 58 -24.41 44.69 -14.80
C LEU B 58 -25.93 44.53 -14.62
N ALA B 59 -26.37 43.29 -14.38
CA ALA B 59 -27.80 43.02 -14.14
C ALA B 59 -28.32 43.76 -12.90
N GLN B 60 -27.57 43.72 -11.82
CA GLN B 60 -27.94 44.47 -10.64
C GLN B 60 -27.93 45.98 -10.84
N ARG B 61 -26.85 46.51 -11.42
CA ARG B 61 -26.73 47.94 -11.70
C ARG B 61 -27.95 48.44 -12.45
N ASP B 62 -28.48 47.59 -13.34
CA ASP B 62 -29.62 47.96 -14.16
C ASP B 62 -30.91 47.61 -13.44
N ASN B 63 -30.77 46.89 -12.33
CA ASN B 63 -31.92 46.60 -11.51
C ASN B 63 -32.90 45.65 -12.25
N VAL B 64 -32.37 44.53 -12.74
CA VAL B 64 -33.14 43.51 -13.46
C VAL B 64 -33.49 42.38 -12.50
N SER B 65 -34.79 42.06 -12.39
CA SER B 65 -35.27 40.98 -11.52
C SER B 65 -34.88 39.57 -12.00
N ALA B 66 -34.75 38.62 -11.07
CA ALA B 66 -34.42 37.22 -11.42
C ALA B 66 -35.65 36.42 -11.81
N LYS B 67 -36.74 37.11 -12.13
CA LYS B 67 -37.74 36.59 -13.06
C LYS B 67 -37.48 37.09 -14.49
N GLU B 68 -36.95 38.32 -14.61
CA GLU B 68 -36.42 38.84 -15.89
C GLU B 68 -35.14 38.13 -16.32
N LEU B 69 -34.19 38.03 -15.39
CA LEU B 69 -32.98 37.21 -15.57
C LEU B 69 -33.32 35.73 -15.82
N LYS B 70 -34.61 35.40 -15.72
CA LYS B 70 -35.04 34.02 -16.03
C LYS B 70 -35.28 33.87 -17.53
N ASN B 71 -35.68 34.96 -18.17
CA ASN B 71 -35.88 35.02 -19.63
C ASN B 71 -34.57 34.96 -20.46
N GLU B 72 -34.55 34.08 -21.46
CA GLU B 72 -33.32 33.64 -22.15
C GLU B 72 -32.70 34.65 -23.13
N ALA B 73 -33.51 35.52 -23.72
CA ALA B 73 -32.92 36.58 -24.52
C ALA B 73 -32.29 37.57 -23.55
N THR B 74 -32.84 37.71 -22.35
CA THR B 74 -32.24 38.61 -21.34
C THR B 74 -30.91 38.08 -20.84
N GLN B 75 -30.81 36.77 -20.65
CA GLN B 75 -29.52 36.17 -20.32
C GLN B 75 -28.50 36.46 -21.42
N LYS B 76 -28.82 36.11 -22.67
CA LYS B 76 -27.95 36.36 -23.82
C LYS B 76 -27.47 37.80 -23.83
N PHE B 77 -28.41 38.73 -23.67
CA PHE B 77 -28.11 40.17 -23.71
C PHE B 77 -27.08 40.50 -22.61
N TYR B 78 -27.26 39.89 -21.45
CA TYR B 78 -26.41 40.28 -20.33
C TYR B 78 -25.06 39.63 -20.34
N ARG B 79 -24.99 38.45 -20.95
CA ARG B 79 -23.72 37.79 -21.27
C ARG B 79 -22.90 38.56 -22.32
N ASP B 80 -23.56 38.97 -23.41
CA ASP B 80 -22.89 39.72 -24.47
C ASP B 80 -22.41 41.09 -23.94
N LEU B 81 -23.28 41.75 -23.17
CA LEU B 81 -22.93 43.01 -22.52
C LEU B 81 -21.63 42.88 -21.69
N ALA B 82 -21.56 41.82 -20.89
CA ALA B 82 -20.44 41.56 -19.95
C ALA B 82 -19.09 41.33 -20.67
N ALA B 83 -19.09 40.47 -21.70
CA ALA B 83 -17.93 40.30 -22.58
C ALA B 83 -17.38 41.64 -23.13
N LYS B 84 -18.24 42.46 -23.73
CA LYS B 84 -17.82 43.75 -24.28
C LYS B 84 -17.30 44.69 -23.21
N GLU B 85 -17.99 44.71 -22.07
CA GLU B 85 -17.60 45.54 -20.94
C GLU B 85 -16.11 45.36 -20.59
N ILE B 86 -15.65 44.12 -20.58
CA ILE B 86 -14.27 43.75 -20.28
C ILE B 86 -13.35 43.93 -21.52
N GLU B 87 -13.91 43.72 -22.70
CA GLU B 87 -13.14 43.94 -23.93
C GLU B 87 -12.78 45.40 -24.10
N ASN B 88 -13.72 46.30 -23.81
CA ASN B 88 -13.61 47.71 -24.16
C ASN B 88 -13.27 48.61 -22.98
N GLY B 89 -13.32 48.06 -21.76
CA GLY B 89 -13.26 48.84 -20.52
C GLY B 89 -11.87 48.86 -19.90
N GLY B 90 -11.74 49.56 -18.80
CA GLY B 90 -10.41 49.75 -18.22
C GLY B 90 -10.21 48.85 -17.01
N TYR B 91 -10.60 47.58 -17.14
CA TYR B 91 -10.75 46.74 -15.96
C TYR B 91 -9.49 46.01 -15.56
N LYS B 92 -9.14 46.16 -14.28
CA LYS B 92 -8.20 45.24 -13.59
C LYS B 92 -8.89 44.08 -12.85
N ILE B 93 -8.61 42.86 -13.30
CA ILE B 93 -9.19 41.66 -12.74
C ILE B 93 -8.12 40.89 -11.90
N THR B 94 -8.32 40.86 -10.58
CA THR B 94 -7.38 40.12 -9.71
C THR B 94 -7.83 38.69 -9.46
N THR B 95 -7.03 37.72 -9.95
CA THR B 95 -7.38 36.31 -9.69
C THR B 95 -6.78 35.86 -8.36
N THR B 96 -7.16 34.66 -7.95
CA THR B 96 -6.64 34.04 -6.73
C THR B 96 -5.48 33.16 -7.13
N ILE B 97 -5.21 33.03 -8.43
CA ILE B 97 -4.25 32.04 -8.92
C ILE B 97 -2.85 32.37 -8.47
N ASP B 98 -2.15 31.41 -7.87
CA ASP B 98 -0.82 31.71 -7.39
C ASP B 98 0.13 31.26 -8.49
N GLN B 99 0.91 32.19 -9.03
CA GLN B 99 1.61 31.92 -10.32
C GLN B 99 2.62 30.78 -10.24
N LYS B 100 3.43 30.80 -9.19
CA LYS B 100 4.52 29.86 -9.06
C LYS B 100 3.94 28.48 -8.76
N ILE B 101 2.84 28.45 -8.02
CA ILE B 101 2.25 27.15 -7.74
C ILE B 101 1.60 26.59 -9.00
N HIS B 102 0.75 27.41 -9.65
CA HIS B 102 0.00 27.00 -10.85
C HIS B 102 0.95 26.55 -11.95
N SER B 103 2.02 27.31 -12.09
CA SER B 103 3.04 26.96 -13.06
C SER B 103 3.73 25.61 -12.75
N ALA B 104 4.01 25.32 -11.47
CA ALA B 104 4.59 24.02 -11.05
C ALA B 104 3.63 22.85 -11.36
N MET B 105 2.33 23.12 -11.25
CA MET B 105 1.31 22.11 -11.51
C MET B 105 1.26 21.81 -13.01
N GLN B 106 1.39 22.84 -13.86
CA GLN B 106 1.48 22.65 -15.33
C GLN B 106 2.71 21.82 -15.65
N SER B 107 3.84 22.14 -15.04
CA SER B 107 5.07 21.34 -15.24
C SER B 107 4.90 19.89 -14.80
N ALA B 108 4.22 19.70 -13.66
CA ALA B 108 3.95 18.37 -13.09
C ALA B 108 3.08 17.52 -13.99
N VAL B 109 2.02 18.08 -14.57
CA VAL B 109 1.16 17.26 -15.45
C VAL B 109 1.88 16.96 -16.77
N ALA B 110 2.70 17.91 -17.24
CA ALA B 110 3.58 17.71 -18.39
C ALA B 110 4.66 16.65 -18.15
N ASP B 111 5.23 16.63 -16.96
CA ASP B 111 6.37 15.76 -16.75
C ASP B 111 5.93 14.37 -16.33
N TYR B 112 4.81 14.31 -15.62
CA TYR B 112 4.41 13.09 -14.93
C TYR B 112 3.02 12.59 -15.35
N GLY B 113 2.36 13.36 -16.23
CA GLY B 113 1.11 12.92 -16.83
C GLY B 113 1.12 11.49 -17.40
N TYR B 114 2.24 11.09 -17.98
CA TYR B 114 2.35 9.75 -18.57
C TYR B 114 2.12 8.64 -17.55
N LEU B 115 2.31 8.95 -16.27
CA LEU B 115 2.08 7.94 -15.23
C LEU B 115 0.64 7.44 -15.20
N LEU B 116 -0.24 8.17 -15.87
CA LEU B 116 -1.67 7.88 -15.89
C LEU B 116 -2.01 6.94 -17.05
N ASP B 117 -1.24 6.98 -18.12
CA ASP B 117 -1.59 6.16 -19.31
C ASP B 117 -1.43 4.68 -18.96
N ASP B 118 -2.48 3.88 -19.08
CA ASP B 118 -2.46 2.56 -18.41
C ASP B 118 -2.79 1.47 -19.41
N GLY B 119 -2.87 1.84 -20.68
CA GLY B 119 -3.19 0.87 -21.71
C GLY B 119 -4.54 1.17 -22.29
N THR B 120 -5.34 2.05 -21.68
CA THR B 120 -6.69 2.25 -22.21
C THR B 120 -6.74 3.49 -23.10
N GLY B 121 -5.58 3.96 -23.51
CA GLY B 121 -5.49 5.21 -24.26
C GLY B 121 -4.86 6.33 -23.45
N ARG B 122 -4.98 7.54 -23.96
CA ARG B 122 -4.58 8.77 -23.27
C ARG B 122 -5.60 9.09 -22.15
N VAL B 123 -5.12 9.06 -20.91
CA VAL B 123 -5.99 9.25 -19.78
C VAL B 123 -6.01 10.74 -19.44
N GLU B 124 -7.21 11.29 -19.34
CA GLU B 124 -7.38 12.70 -19.01
C GLU B 124 -7.45 12.93 -17.49
N VAL B 125 -7.27 14.17 -17.06
CA VAL B 125 -7.00 14.46 -15.66
C VAL B 125 -7.51 15.85 -15.34
N GLY B 126 -8.06 16.01 -14.13
CA GLY B 126 -8.39 17.33 -13.62
C GLY B 126 -7.99 17.44 -12.17
N ASN B 127 -7.31 18.55 -11.84
CA ASN B 127 -7.02 18.87 -10.45
C ASN B 127 -7.37 20.31 -10.05
N VAL B 128 -7.75 20.52 -8.79
CA VAL B 128 -7.90 21.87 -8.23
C VAL B 128 -7.27 21.94 -6.84
N LEU B 129 -6.34 22.88 -6.67
CA LEU B 129 -5.78 23.21 -5.36
C LEU B 129 -6.50 24.40 -4.74
N MET B 130 -7.05 24.17 -3.56
CA MET B 130 -7.91 25.16 -2.90
C MET B 130 -7.43 25.45 -1.47
N ASP B 131 -7.50 26.71 -1.09
CA ASP B 131 -7.13 27.18 0.25
C ASP B 131 -8.30 26.96 1.22
N ASN B 132 -8.10 26.19 2.28
CA ASN B 132 -9.27 25.72 3.04
C ASN B 132 -9.91 26.84 3.84
N GLN B 133 -9.15 27.90 4.14
CA GLN B 133 -9.65 28.94 5.03
C GLN B 133 -10.31 30.04 4.23
N THR B 134 -10.06 30.08 2.91
CA THR B 134 -10.74 31.04 2.04
C THR B 134 -11.63 30.56 0.86
N GLY B 135 -11.40 29.36 0.35
CA GLY B 135 -12.05 28.94 -0.91
C GLY B 135 -11.33 29.41 -2.16
N ALA B 136 -10.29 30.21 -1.99
CA ALA B 136 -9.44 30.68 -3.07
C ALA B 136 -8.78 29.49 -3.81
N ILE B 137 -8.87 29.52 -5.14
CA ILE B 137 -8.26 28.46 -5.94
C ILE B 137 -6.86 28.88 -6.35
N LEU B 138 -5.85 28.15 -5.87
CA LEU B 138 -4.48 28.62 -6.05
C LEU B 138 -3.91 28.15 -7.36
N GLY B 139 -4.41 27.03 -7.87
CA GLY B 139 -3.89 26.46 -9.12
C GLY B 139 -4.75 25.28 -9.51
N PHE B 140 -4.58 24.82 -10.73
CA PHE B 140 -5.37 23.70 -11.21
C PHE B 140 -4.67 23.08 -12.40
N VAL B 141 -5.00 21.83 -12.67
CA VAL B 141 -4.63 21.20 -13.92
C VAL B 141 -5.92 20.99 -14.71
N GLY B 142 -5.94 21.44 -15.95
CA GLY B 142 -7.17 21.45 -16.74
C GLY B 142 -7.26 20.23 -17.63
N GLY B 143 -6.13 19.56 -17.89
CA GLY B 143 -6.10 18.33 -18.68
C GLY B 143 -4.68 18.00 -19.03
N ARG B 144 -4.47 16.99 -19.86
CA ARG B 144 -3.14 16.50 -20.15
C ARG B 144 -2.32 17.50 -20.96
N ASN B 145 -2.97 18.32 -21.79
CA ASN B 145 -2.27 19.19 -22.73
C ASN B 145 -3.25 20.02 -23.55
N TYR B 146 -3.43 21.27 -23.13
CA TYR B 146 -4.33 22.20 -23.81
C TYR B 146 -4.30 22.11 -25.34
N GLN B 147 -3.10 22.20 -25.91
CA GLN B 147 -2.93 22.11 -27.35
C GLN B 147 -3.60 20.86 -27.98
N GLU B 148 -3.40 19.70 -27.38
CA GLU B 148 -4.02 18.45 -27.85
C GLU B 148 -5.52 18.30 -27.65
N ASN B 149 -6.03 18.87 -26.55
CA ASN B 149 -7.42 18.72 -26.15
C ASN B 149 -7.76 19.86 -25.17
N GLN B 150 -8.79 20.64 -25.51
CA GLN B 150 -9.09 21.87 -24.74
C GLN B 150 -10.15 21.71 -23.66
N ASN B 151 -10.78 20.54 -23.58
CA ASN B 151 -11.76 20.34 -22.51
C ASN B 151 -11.12 20.61 -21.14
N ASN B 152 -11.75 21.48 -20.39
CA ASN B 152 -11.26 21.86 -19.08
C ASN B 152 -11.83 20.87 -18.08
N HIS B 153 -10.99 19.94 -17.67
CA HIS B 153 -11.37 18.87 -16.77
C HIS B 153 -11.39 19.27 -15.29
N ALA B 154 -11.01 20.51 -14.97
CA ALA B 154 -11.12 21.00 -13.59
C ALA B 154 -12.43 21.72 -13.35
N PHE B 155 -12.95 22.42 -14.39
CA PHE B 155 -14.06 23.34 -14.17
C PHE B 155 -15.34 22.97 -14.90
N ASP B 156 -15.25 22.24 -16.02
CA ASP B 156 -16.39 21.99 -16.93
C ASP B 156 -16.94 20.55 -16.84
N THR B 157 -16.03 19.59 -16.98
CA THR B 157 -16.31 18.17 -16.92
C THR B 157 -17.03 17.79 -15.66
N LYS B 158 -18.08 17.00 -15.82
CA LYS B 158 -18.90 16.52 -14.71
C LYS B 158 -19.00 15.01 -14.76
N ARG B 159 -18.62 14.37 -13.66
CA ARG B 159 -18.64 12.92 -13.58
C ARG B 159 -19.11 12.55 -12.20
N SER B 160 -19.62 11.34 -12.02
CA SER B 160 -20.00 10.89 -10.68
C SER B 160 -18.80 10.87 -9.75
N PRO B 161 -18.92 11.47 -8.57
CA PRO B 161 -17.82 11.44 -7.62
C PRO B 161 -17.73 10.12 -6.89
N ALA B 162 -18.70 9.24 -7.11
CA ALA B 162 -18.60 7.85 -6.69
C ALA B 162 -18.50 7.80 -5.17
N SER B 163 -17.66 6.90 -4.65
CA SER B 163 -17.52 6.76 -3.20
C SER B 163 -16.92 7.97 -2.44
N THR B 164 -16.30 8.95 -3.13
CA THR B 164 -15.94 10.20 -2.42
C THR B 164 -17.22 10.97 -2.02
N THR B 165 -18.37 10.38 -2.33
CA THR B 165 -19.64 10.99 -1.92
C THR B 165 -19.92 10.59 -0.48
N LYS B 166 -19.37 9.43 -0.09
CA LYS B 166 -19.80 8.80 1.16
C LYS B 166 -19.60 9.66 2.43
N PRO B 167 -18.41 10.25 2.59
CA PRO B 167 -18.12 11.00 3.81
C PRO B 167 -19.00 12.23 3.93
N LEU B 168 -19.34 12.86 2.80
CA LEU B 168 -20.15 14.09 2.79
C LEU B 168 -21.64 13.84 3.00
N LEU B 169 -22.20 12.88 2.27
CA LEU B 169 -23.64 12.81 2.11
C LEU B 169 -24.23 11.77 3.06
N ALA B 170 -23.41 10.80 3.43
CA ALA B 170 -23.80 9.73 4.32
C ALA B 170 -23.18 9.88 5.73
N TYR B 171 -21.92 9.50 5.88
CA TYR B 171 -21.40 9.37 7.25
C TYR B 171 -21.30 10.66 7.99
N GLY B 172 -20.90 11.71 7.27
CA GLY B 172 -20.75 13.01 7.93
C GLY B 172 -22.08 13.59 8.42
N ILE B 173 -23.13 13.51 7.60
CA ILE B 173 -24.46 13.91 8.08
C ILE B 173 -24.94 13.05 9.26
N ALA B 174 -24.87 11.73 9.16
CA ALA B 174 -25.29 10.89 10.27
C ALA B 174 -24.58 11.24 11.60
N ILE B 175 -23.28 11.42 11.58
CA ILE B 175 -22.51 11.85 12.74
C ILE B 175 -23.00 13.24 13.25
N ASP B 176 -23.16 14.16 12.32
CA ASP B 176 -23.66 15.51 12.64
C ASP B 176 -25.00 15.44 13.32
N GLN B 177 -25.82 14.47 12.92
CA GLN B 177 -27.21 14.45 13.37
C GLN B 177 -27.32 13.65 14.64
N GLY B 178 -26.20 13.16 15.13
CA GLY B 178 -26.18 12.47 16.37
C GLY B 178 -26.60 11.04 16.18
N LEU B 179 -26.50 10.54 14.95
CA LEU B 179 -27.05 9.21 14.63
C LEU B 179 -25.98 8.15 14.60
N MET B 180 -24.71 8.55 14.65
CA MET B 180 -23.60 7.62 14.76
C MET B 180 -22.36 8.34 15.28
N GLY B 181 -21.40 7.58 15.80
CA GLY B 181 -20.07 8.06 16.10
C GLY B 181 -18.96 7.20 15.50
N SER B 182 -17.73 7.52 15.87
CA SER B 182 -16.57 7.05 15.12
C SER B 182 -16.40 5.56 15.09
N GLU B 183 -16.82 4.86 16.14
CA GLU B 183 -16.63 3.41 16.18
C GLU B 183 -17.95 2.62 16.14
N THR B 184 -19.02 3.32 15.73
CA THR B 184 -20.33 2.72 15.45
C THR B 184 -20.23 1.55 14.44
N ILE B 185 -21.13 0.57 14.56
CA ILE B 185 -21.07 -0.64 13.74
C ILE B 185 -22.12 -0.52 12.66
N LEU B 186 -21.75 -0.85 11.42
CA LEU B 186 -22.76 -0.95 10.38
C LEU B 186 -22.78 -2.32 9.73
N SER B 187 -23.95 -2.69 9.20
CA SER B 187 -24.08 -3.90 8.42
C SER B 187 -23.41 -3.78 7.04
N ASN B 188 -22.44 -4.65 6.75
CA ASN B 188 -22.08 -4.97 5.36
C ASN B 188 -22.61 -6.32 4.89
N TYR B 189 -23.68 -6.83 5.52
CA TYR B 189 -24.24 -8.15 5.18
C TYR B 189 -24.91 -8.03 3.82
N PRO B 190 -24.96 -9.12 3.05
CA PRO B 190 -25.70 -9.14 1.79
C PRO B 190 -27.07 -8.49 1.86
N THR B 191 -27.34 -7.47 1.06
CA THR B 191 -28.71 -7.01 0.93
C THR B 191 -29.00 -6.62 -0.52
N ASN B 192 -30.27 -6.46 -0.87
CA ASN B 192 -30.65 -6.14 -2.24
C ASN B 192 -31.19 -4.76 -2.36
N PHE B 193 -31.04 -4.17 -3.55
CA PHE B 193 -31.86 -3.03 -3.95
C PHE B 193 -33.31 -3.42 -4.04
N ALA B 194 -34.17 -2.41 -4.13
CA ALA B 194 -35.62 -2.59 -4.18
C ALA B 194 -36.01 -3.37 -5.42
N ASN B 195 -35.22 -3.27 -6.47
CA ASN B 195 -35.48 -3.99 -7.70
C ASN B 195 -35.17 -5.46 -7.53
N GLY B 196 -34.57 -5.85 -6.40
CA GLY B 196 -34.26 -7.26 -6.14
C GLY B 196 -32.79 -7.64 -6.40
N ASN B 197 -32.04 -6.81 -7.13
CA ASN B 197 -30.61 -7.02 -7.38
C ASN B 197 -29.75 -6.76 -6.15
N PRO B 198 -28.67 -7.52 -5.99
CA PRO B 198 -27.81 -7.40 -4.83
C PRO B 198 -26.98 -6.12 -4.88
N ILE B 199 -26.71 -5.57 -3.71
CA ILE B 199 -25.81 -4.44 -3.67
C ILE B 199 -24.37 -4.97 -3.65
N MET B 200 -23.57 -4.58 -4.66
CA MET B 200 -22.28 -5.24 -4.92
C MET B 200 -21.20 -4.25 -4.55
N TYR B 201 -20.02 -4.75 -4.22
CA TYR B 201 -18.85 -3.89 -4.11
C TYR B 201 -17.74 -4.71 -4.73
N ALA B 202 -17.11 -4.19 -5.77
CA ALA B 202 -16.42 -5.01 -6.78
C ALA B 202 -17.20 -6.29 -7.13
N ASN B 203 -16.62 -7.42 -6.77
CA ASN B 203 -17.29 -8.68 -6.96
C ASN B 203 -17.81 -9.23 -5.65
N SER B 204 -17.78 -8.46 -4.57
CA SER B 204 -18.28 -9.02 -3.32
C SER B 204 -19.71 -8.62 -3.02
N LYS B 205 -20.50 -9.57 -2.51
CA LYS B 205 -21.90 -9.30 -2.21
C LYS B 205 -22.09 -8.87 -0.79
N GLY B 206 -21.00 -8.81 -0.03
CA GLY B 206 -20.99 -8.32 1.34
C GLY B 206 -20.26 -9.22 2.33
N THR B 207 -20.15 -8.79 3.58
CA THR B 207 -19.49 -9.57 4.60
C THR B 207 -20.39 -9.68 5.84
N GLY B 208 -20.06 -8.95 6.92
CA GLY B 208 -20.90 -8.95 8.11
C GLY B 208 -20.84 -7.54 8.68
N MET B 209 -20.89 -7.44 10.01
CA MET B 209 -20.81 -6.14 10.66
C MET B 209 -19.42 -5.57 10.50
N MET B 210 -19.30 -4.25 10.57
CA MET B 210 -17.95 -3.67 10.63
C MET B 210 -18.03 -2.25 11.21
N THR B 211 -16.91 -1.72 11.70
CA THR B 211 -16.88 -0.34 12.17
C THR B 211 -16.99 0.61 10.98
N LEU B 212 -17.40 1.83 11.25
CA LEU B 212 -17.33 2.92 10.31
C LEU B 212 -15.95 3.01 9.65
N GLY B 213 -14.87 2.93 10.43
CA GLY B 213 -13.49 3.12 9.92
C GLY B 213 -13.14 2.07 8.86
N GLU B 214 -13.61 0.86 9.10
CA GLU B 214 -13.44 -0.23 8.14
C GLU B 214 -14.32 0.02 6.92
N ALA B 215 -15.56 0.40 7.14
CA ALA B 215 -16.41 0.77 6.04
C ALA B 215 -15.70 1.81 5.18
N LEU B 216 -15.07 2.81 5.81
CA LEU B 216 -14.44 3.92 5.10
C LEU B 216 -13.15 3.49 4.46
N ASN B 217 -12.32 2.76 5.20
CA ASN B 217 -11.03 2.32 4.60
C ASN B 217 -11.20 1.48 3.35
N TYR B 218 -12.15 0.54 3.39
CA TYR B 218 -12.37 -0.37 2.25
C TYR B 218 -13.38 0.21 1.24
N SER B 219 -14.06 1.28 1.60
CA SER B 219 -15.08 1.86 0.72
C SER B 219 -16.24 0.90 0.42
N TRP B 220 -16.71 0.15 1.42
CA TRP B 220 -17.81 -0.78 1.13
C TRP B 220 -19.09 0.02 0.78
N ASN B 221 -20.03 -0.60 0.07
CA ASN B 221 -21.25 0.09 -0.39
C ASN B 221 -22.48 -0.05 0.53
N ILE B 222 -22.69 -1.24 1.04
CA ILE B 222 -23.84 -1.56 1.86
C ILE B 222 -23.92 -0.75 3.16
N PRO B 223 -22.79 -0.41 3.81
CA PRO B 223 -22.92 0.43 5.00
C PRO B 223 -23.39 1.83 4.60
N ALA B 224 -22.92 2.35 3.47
CA ALA B 224 -23.38 3.64 2.94
C ALA B 224 -24.85 3.67 2.52
N TYR B 225 -25.31 2.65 1.80
CA TYR B 225 -26.73 2.50 1.51
C TYR B 225 -27.58 2.56 2.80
N TRP B 226 -27.18 1.82 3.85
CA TRP B 226 -28.00 1.72 5.07
C TRP B 226 -27.95 3.08 5.80
N THR B 227 -26.82 3.76 5.74
CA THR B 227 -26.67 5.08 6.38
C THR B 227 -27.66 6.13 5.80
N TYR B 228 -27.72 6.20 4.47
CA TYR B 228 -28.64 7.14 3.84
C TYR B 228 -30.08 6.72 4.02
N ARG B 229 -30.33 5.42 3.97
CA ARG B 229 -31.67 4.96 4.31
C ARG B 229 -32.06 5.45 5.73
N MET B 230 -31.15 5.34 6.69
CA MET B 230 -31.41 5.89 8.05
C MET B 230 -31.67 7.40 8.07
N LEU B 231 -30.93 8.15 7.26
CA LEU B 231 -31.17 9.59 7.21
C LEU B 231 -32.56 9.87 6.66
N ARG B 232 -32.91 9.24 5.54
CA ARG B 232 -34.27 9.36 5.02
C ARG B 232 -35.30 9.05 6.11
N GLU B 233 -35.13 7.94 6.83
CA GLU B 233 -36.14 7.49 7.77
C GLU B 233 -36.26 8.51 8.87
N ASN B 234 -35.18 9.21 9.18
CA ASN B 234 -35.22 10.21 10.23
C ASN B 234 -35.64 11.56 9.67
N GLY B 235 -36.03 11.55 8.41
CA GLY B 235 -36.33 12.78 7.68
C GLY B 235 -35.33 13.92 7.83
N VAL B 236 -34.04 13.59 7.74
CA VAL B 236 -32.98 14.60 7.77
C VAL B 236 -32.94 15.44 6.50
N ASP B 237 -32.62 16.72 6.63
CA ASP B 237 -32.63 17.58 5.46
C ASP B 237 -31.27 17.46 4.78
N VAL B 238 -31.07 16.32 4.12
CA VAL B 238 -29.81 16.03 3.47
C VAL B 238 -29.50 17.05 2.39
N LYS B 239 -30.51 17.42 1.58
CA LYS B 239 -30.35 18.50 0.57
C LYS B 239 -29.84 19.82 1.18
N GLY B 240 -30.35 20.18 2.37
CA GLY B 240 -29.87 21.40 3.04
C GLY B 240 -28.35 21.40 3.21
N TYR B 241 -27.81 20.29 3.69
CA TYR B 241 -26.36 20.16 3.80
C TYR B 241 -25.71 20.33 2.44
N MET B 242 -26.14 19.54 1.46
CA MET B 242 -25.38 19.51 0.20
C MET B 242 -25.41 20.87 -0.50
N GLU B 243 -26.57 21.52 -0.42
CA GLU B 243 -26.79 22.79 -1.10
C GLU B 243 -26.00 23.90 -0.44
N LYS B 244 -25.80 23.83 0.88
CA LYS B 244 -24.92 24.83 1.53
C LYS B 244 -23.49 24.71 1.02
N MET B 245 -23.13 23.57 0.43
CA MET B 245 -21.77 23.43 -0.16
C MET B 245 -21.79 23.62 -1.64
N GLY B 246 -22.99 23.88 -2.17
CA GLY B 246 -23.06 24.33 -3.56
C GLY B 246 -23.24 23.20 -4.54
N TYR B 247 -23.60 22.03 -4.01
CA TYR B 247 -23.91 20.89 -4.85
C TYR B 247 -25.32 21.01 -5.44
N GLU B 248 -25.45 20.65 -6.71
CA GLU B 248 -26.80 20.58 -7.32
C GLU B 248 -27.06 19.14 -7.74
N ILE B 249 -27.90 18.45 -6.97
CA ILE B 249 -28.30 17.07 -7.22
C ILE B 249 -29.79 17.14 -7.52
N PRO B 250 -30.21 16.73 -8.72
CA PRO B 250 -31.63 16.90 -9.05
C PRO B 250 -32.56 15.99 -8.27
N GLU B 251 -32.10 14.82 -7.83
CA GLU B 251 -33.03 13.85 -7.28
C GLU B 251 -32.37 13.14 -6.11
N TYR B 252 -32.95 13.31 -4.92
CA TYR B 252 -32.38 12.75 -3.68
C TYR B 252 -32.94 11.33 -3.39
N GLY B 253 -34.05 10.99 -4.03
CA GLY B 253 -34.73 9.72 -3.78
C GLY B 253 -34.10 8.63 -4.62
N ILE B 254 -32.86 8.30 -4.33
CA ILE B 254 -32.15 7.31 -5.11
C ILE B 254 -31.31 6.44 -4.16
N GLU B 255 -31.48 5.12 -4.22
CA GLU B 255 -30.90 4.24 -3.20
C GLU B 255 -29.39 4.32 -3.23
N SER B 256 -28.81 4.58 -4.40
CA SER B 256 -27.33 4.57 -4.54
C SER B 256 -26.70 5.97 -4.51
N LEU B 257 -27.50 6.97 -4.16
CA LEU B 257 -26.98 8.33 -3.98
C LEU B 257 -25.69 8.39 -3.15
N PRO B 258 -25.64 7.76 -1.97
CA PRO B 258 -24.41 7.85 -1.17
C PRO B 258 -23.18 7.28 -1.86
N MET B 259 -23.40 6.42 -2.84
CA MET B 259 -22.29 5.87 -3.56
C MET B 259 -22.02 6.68 -4.82
N GLY B 260 -22.77 7.74 -5.03
CA GLY B 260 -22.53 8.59 -6.19
C GLY B 260 -23.52 8.41 -7.33
N GLY B 261 -24.47 7.49 -7.17
CA GLY B 261 -25.53 7.33 -8.15
C GLY B 261 -26.33 8.63 -8.21
N GLY B 262 -26.52 9.17 -9.41
CA GLY B 262 -27.35 10.35 -9.62
C GLY B 262 -26.67 11.67 -9.24
N ILE B 263 -25.38 11.64 -8.94
CA ILE B 263 -24.61 12.87 -8.72
C ILE B 263 -23.52 12.99 -9.76
N GLU B 264 -23.36 14.19 -10.33
CA GLU B 264 -22.31 14.50 -11.30
C GLU B 264 -21.70 15.84 -10.86
N VAL B 265 -20.37 15.93 -10.72
CA VAL B 265 -19.72 17.17 -10.24
C VAL B 265 -18.45 17.50 -11.03
N THR B 266 -18.12 18.78 -11.11
CA THR B 266 -16.78 19.21 -11.50
C THR B 266 -15.77 18.91 -10.35
N VAL B 267 -14.49 18.81 -10.70
CA VAL B 267 -13.42 18.75 -9.71
C VAL B 267 -13.43 19.94 -8.75
N ALA B 268 -13.67 21.13 -9.31
CA ALA B 268 -13.62 22.41 -8.57
C ALA B 268 -14.70 22.46 -7.52
N GLN B 269 -15.94 22.14 -7.89
CA GLN B 269 -17.03 22.02 -6.91
C GLN B 269 -16.72 20.94 -5.91
N HIS B 270 -16.18 19.81 -6.36
CA HIS B 270 -16.04 18.69 -5.42
C HIS B 270 -14.97 18.97 -4.38
N THR B 271 -13.85 19.55 -4.83
CA THR B 271 -12.83 20.07 -3.92
C THR B 271 -13.41 20.97 -2.82
N ASN B 272 -14.48 21.67 -3.14
CA ASN B 272 -15.10 22.61 -2.20
C ASN B 272 -15.82 21.85 -1.09
N GLY B 273 -16.40 20.68 -1.41
CA GLY B 273 -16.99 19.81 -0.39
C GLY B 273 -15.91 19.32 0.56
N TYR B 274 -14.76 18.94 0.02
CA TYR B 274 -13.71 18.41 0.91
C TYR B 274 -13.05 19.58 1.67
N GLN B 275 -13.13 20.78 1.13
CA GLN B 275 -12.60 21.97 1.80
C GLN B 275 -13.43 22.22 3.07
N THR B 276 -14.74 21.97 2.99
CA THR B 276 -15.66 22.06 4.12
C THR B 276 -15.26 21.15 5.31
N LEU B 277 -15.07 19.86 5.03
CA LEU B 277 -14.67 18.92 6.03
C LEU B 277 -13.30 19.28 6.65
N ALA B 278 -12.34 19.61 5.82
CA ALA B 278 -10.99 19.95 6.28
C ALA B 278 -10.96 21.24 7.11
N ASN B 279 -11.73 22.23 6.69
CA ASN B 279 -11.84 23.48 7.45
C ASN B 279 -12.83 23.40 8.63
N ASN B 280 -12.83 22.28 9.36
CA ASN B 280 -13.65 22.11 10.57
C ASN B 280 -15.12 22.43 10.37
N GLY B 281 -15.59 22.23 9.14
CA GLY B 281 -17.03 22.09 8.88
C GLY B 281 -17.56 23.36 8.28
N VAL B 282 -16.64 24.28 8.00
CA VAL B 282 -16.97 25.63 7.55
C VAL B 282 -16.63 25.83 6.09
N TYR B 283 -17.68 26.03 5.31
CA TYR B 283 -17.59 26.16 3.88
C TYR B 283 -17.18 27.58 3.53
N HIS B 284 -16.35 27.70 2.50
CA HIS B 284 -16.11 28.98 1.83
C HIS B 284 -16.22 28.66 0.37
N GLN B 285 -17.03 29.48 -0.31
CA GLN B 285 -17.32 29.26 -1.73
C GLN B 285 -16.08 29.39 -2.60
N LYS B 286 -15.84 28.39 -3.45
CA LYS B 286 -14.72 28.43 -4.41
C LYS B 286 -14.80 29.70 -5.24
N HIS B 287 -13.65 30.25 -5.58
CA HIS B 287 -13.63 31.39 -6.51
C HIS B 287 -12.19 31.45 -7.07
N VAL B 288 -12.05 31.85 -8.34
CA VAL B 288 -10.73 32.17 -8.90
C VAL B 288 -10.56 33.68 -9.11
N ILE B 289 -11.67 34.43 -9.07
CA ILE B 289 -11.62 35.90 -9.11
C ILE B 289 -11.83 36.50 -7.71
N SER B 290 -10.89 37.33 -7.26
CA SER B 290 -11.09 38.02 -5.97
C SER B 290 -11.53 39.49 -6.08
N LYS B 291 -11.26 40.14 -7.22
CA LYS B 291 -11.58 41.58 -7.37
C LYS B 291 -11.61 42.06 -8.81
N ILE B 292 -12.62 42.86 -9.16
CA ILE B 292 -12.62 43.59 -10.44
C ILE B 292 -12.77 45.11 -10.23
N GLU B 293 -11.79 45.92 -10.67
CA GLU B 293 -11.93 47.40 -10.63
C GLU B 293 -11.84 48.05 -12.00
N ALA B 294 -12.70 49.05 -12.22
CA ALA B 294 -12.64 49.91 -13.42
C ALA B 294 -11.50 50.90 -13.28
N ALA B 295 -10.95 51.31 -14.43
CA ALA B 295 -9.91 52.36 -14.46
C ALA B 295 -10.21 53.57 -13.57
N ASP B 296 -11.50 53.89 -13.37
CA ASP B 296 -11.93 55.08 -12.61
C ASP B 296 -12.09 54.90 -11.11
N GLY B 297 -11.80 53.71 -10.60
CA GLY B 297 -11.88 53.49 -9.17
C GLY B 297 -13.06 52.65 -8.73
N ARG B 298 -14.10 52.56 -9.57
CA ARG B 298 -15.28 51.74 -9.28
C ARG B 298 -14.90 50.26 -9.07
N VAL B 299 -15.04 49.77 -7.85
CA VAL B 299 -14.80 48.36 -7.57
C VAL B 299 -16.07 47.59 -7.97
N VAL B 300 -16.04 47.00 -9.15
CA VAL B 300 -17.23 46.42 -9.76
C VAL B 300 -17.62 45.13 -9.01
N TYR B 301 -16.61 44.39 -8.56
CA TYR B 301 -16.78 43.15 -7.79
C TYR B 301 -15.62 42.98 -6.82
N GLU B 302 -15.95 42.60 -5.58
CA GLU B 302 -14.92 42.08 -4.69
C GLU B 302 -15.42 40.90 -3.88
N TYR B 303 -14.63 39.83 -3.87
CA TYR B 303 -15.02 38.63 -3.17
C TYR B 303 -15.33 38.94 -1.71
N GLN B 304 -16.56 38.64 -1.27
CA GLN B 304 -16.90 38.67 0.17
C GLN B 304 -16.94 37.31 0.85
N ASP B 305 -16.11 37.15 1.87
CA ASP B 305 -16.17 35.99 2.76
C ASP B 305 -17.58 35.71 3.31
N LYS B 306 -18.17 34.55 2.98
CA LYS B 306 -19.45 34.10 3.56
C LYS B 306 -19.36 32.71 4.23
N PRO B 307 -18.65 32.62 5.35
CA PRO B 307 -18.51 31.36 6.11
C PRO B 307 -19.86 30.72 6.37
N VAL B 308 -19.98 29.42 6.13
CA VAL B 308 -21.18 28.71 6.49
C VAL B 308 -20.72 27.48 7.25
N GLN B 309 -21.23 27.30 8.46
CA GLN B 309 -20.94 26.12 9.28
C GLN B 309 -21.86 25.02 8.76
N VAL B 310 -21.36 24.13 7.90
CA VAL B 310 -22.17 23.04 7.33
C VAL B 310 -22.31 21.81 8.26
N TYR B 311 -21.17 21.35 8.78
CA TYR B 311 -21.13 20.32 9.83
C TYR B 311 -20.70 21.03 11.08
N SER B 312 -21.03 20.46 12.23
CA SER B 312 -20.45 20.94 13.47
C SER B 312 -18.95 20.66 13.39
N LYS B 313 -18.19 21.46 14.11
CA LYS B 313 -16.76 21.22 14.29
C LYS B 313 -16.51 19.81 14.84
N ALA B 314 -17.37 19.38 15.77
CA ALA B 314 -17.23 18.02 16.30
C ALA B 314 -17.34 16.99 15.17
N THR B 315 -18.35 17.13 14.30
CA THR B 315 -18.50 16.23 13.14
C THR B 315 -17.27 16.32 12.21
N ALA B 316 -16.90 17.53 11.83
CA ALA B 316 -15.83 17.68 10.83
C ALA B 316 -14.52 17.16 11.37
N THR B 317 -14.21 17.44 12.64
CA THR B 317 -12.95 16.93 13.21
C THR B 317 -12.95 15.40 13.45
N ILE B 318 -14.09 14.84 13.86
CA ILE B 318 -14.21 13.37 13.88
C ILE B 318 -14.02 12.80 12.46
N MET B 319 -14.69 13.36 11.46
CA MET B 319 -14.44 12.93 10.07
C MET B 319 -13.00 12.98 9.61
N GLN B 320 -12.29 14.07 9.97
CA GLN B 320 -10.85 14.17 9.66
C GLN B 320 -10.10 12.94 10.15
N GLY B 321 -10.30 12.60 11.43
CA GLY B 321 -9.65 11.42 12.03
C GLY B 321 -9.91 10.17 11.20
N LEU B 322 -11.13 10.00 10.71
CA LEU B 322 -11.46 8.80 9.93
C LEU B 322 -10.78 8.84 8.57
N LEU B 323 -10.76 10.03 7.96
CA LEU B 323 -10.14 10.12 6.65
C LEU B 323 -8.62 10.13 6.69
N ARG B 324 -8.03 10.43 7.86
CA ARG B 324 -6.57 10.25 8.04
C ARG B 324 -6.24 8.79 7.77
N GLU B 325 -7.12 7.92 8.28
CA GLU B 325 -6.83 6.48 8.24
C GLU B 325 -7.16 5.80 6.91
N VAL B 326 -8.03 6.45 6.15
CA VAL B 326 -8.29 5.98 4.82
C VAL B 326 -6.99 5.94 4.04
N LEU B 327 -6.21 7.04 4.11
CA LEU B 327 -4.94 7.14 3.38
C LEU B 327 -3.87 6.24 4.00
N SER B 328 -3.75 6.27 5.33
CA SER B 328 -2.62 5.60 5.98
C SER B 328 -2.86 4.09 6.01
N SER B 329 -4.12 3.65 5.98
CA SER B 329 -4.40 2.21 5.77
C SER B 329 -4.00 1.72 4.39
N ARG B 330 -3.98 2.60 3.39
CA ARG B 330 -3.49 2.22 2.05
C ARG B 330 -4.32 1.11 1.39
N VAL B 331 -5.53 0.93 1.85
CA VAL B 331 -6.39 -0.07 1.27
C VAL B 331 -6.85 0.27 -0.13
N THR B 332 -7.36 1.49 -0.36
CA THR B 332 -7.88 1.83 -1.67
C THR B 332 -6.98 2.85 -2.39
N THR B 333 -5.77 3.09 -1.87
CA THR B 333 -4.85 4.03 -2.53
C THR B 333 -3.47 3.88 -1.96
N THR B 334 -2.47 3.89 -2.85
CA THR B 334 -1.06 3.75 -2.48
C THR B 334 -0.44 5.13 -2.17
N PHE B 335 -1.25 6.19 -2.26
CA PHE B 335 -0.77 7.55 -2.14
C PHE B 335 0.30 7.76 -1.03
N LYS B 336 0.01 7.37 0.21
CA LYS B 336 0.98 7.67 1.30
C LYS B 336 2.33 6.98 1.06
N SER B 337 2.32 5.82 0.41
CA SER B 337 3.55 5.12 0.06
C SER B 337 4.30 5.85 -1.05
N ASN B 338 3.60 6.15 -2.15
CA ASN B 338 4.13 6.96 -3.26
C ASN B 338 4.79 8.23 -2.77
N LEU B 339 4.08 8.92 -1.89
CA LEU B 339 4.58 10.19 -1.37
C LEU B 339 5.75 10.06 -0.40
N THR B 340 5.70 9.06 0.48
CA THR B 340 6.89 8.75 1.31
C THR B 340 8.15 8.60 0.47
N SER B 341 8.04 7.92 -0.65
CA SER B 341 9.24 7.65 -1.44
C SER B 341 9.72 8.94 -2.14
N LEU B 342 8.80 9.84 -2.48
CA LEU B 342 9.17 11.07 -3.17
C LEU B 342 9.58 12.14 -2.17
N ASN B 343 8.97 12.17 -0.98
CA ASN B 343 9.27 13.24 -0.04
C ASN B 343 8.70 12.85 1.33
N PRO B 344 9.49 12.11 2.09
CA PRO B 344 9.09 11.62 3.41
C PRO B 344 8.72 12.72 4.36
N THR B 345 9.39 13.86 4.27
CA THR B 345 9.05 14.95 5.19
C THR B 345 7.64 15.44 4.89
N LEU B 346 7.33 15.70 3.61
CA LEU B 346 5.97 16.08 3.20
C LEU B 346 4.97 14.97 3.57
N ALA B 347 5.38 13.73 3.38
CA ALA B 347 4.49 12.60 3.71
C ALA B 347 4.09 12.59 5.19
N ASN B 348 4.88 13.26 6.04
CA ASN B 348 4.52 13.37 7.44
C ASN B 348 3.64 14.53 7.74
N ALA B 349 3.37 15.42 6.79
CA ALA B 349 2.28 16.36 7.04
C ALA B 349 0.98 15.59 7.35
N ASP B 350 -0.07 16.25 7.82
CA ASP B 350 -1.25 15.51 8.26
C ASP B 350 -2.27 15.33 7.11
N TRP B 351 -2.07 14.30 6.28
CA TRP B 351 -2.88 14.03 5.09
C TRP B 351 -4.15 13.30 5.50
N ILE B 352 -5.28 13.77 5.01
CA ILE B 352 -6.52 12.97 5.06
C ILE B 352 -7.14 12.95 3.65
N GLY B 353 -8.02 12.00 3.38
CA GLY B 353 -8.60 11.95 2.05
C GLY B 353 -9.44 10.70 1.80
N LYS B 354 -10.03 10.65 0.60
CA LYS B 354 -10.93 9.57 0.21
C LYS B 354 -10.77 9.26 -1.31
N THR B 355 -10.92 8.00 -1.68
CA THR B 355 -10.94 7.63 -3.10
C THR B 355 -12.36 7.46 -3.63
N GLY B 356 -12.50 7.52 -4.94
CA GLY B 356 -13.74 7.07 -5.58
C GLY B 356 -13.44 6.31 -6.86
N THR B 357 -14.31 5.35 -7.20
CA THR B 357 -14.22 4.54 -8.43
C THR B 357 -15.66 4.32 -8.92
N THR B 358 -16.00 4.76 -10.13
CA THR B 358 -17.30 4.40 -10.70
C THR B 358 -17.37 2.91 -11.15
N GLY B 359 -18.58 2.42 -11.45
CA GLY B 359 -18.84 0.98 -11.46
C GLY B 359 -18.14 0.19 -12.55
N GLN B 360 -17.70 0.85 -13.60
CA GLN B 360 -16.87 0.20 -14.60
C GLN B 360 -15.45 0.76 -14.69
N ASP B 361 -14.96 1.35 -13.61
CA ASP B 361 -13.66 1.96 -13.65
C ASP B 361 -13.55 3.10 -14.68
N GLU B 362 -14.64 3.78 -14.98
CA GLU B 362 -14.60 4.92 -15.88
C GLU B 362 -14.01 6.19 -15.28
N ASN B 363 -14.07 6.33 -13.96
CA ASN B 363 -13.68 7.58 -13.29
C ASN B 363 -13.11 7.20 -11.95
N MET B 364 -11.92 7.74 -11.69
CA MET B 364 -11.24 7.58 -10.41
C MET B 364 -11.07 8.98 -9.86
N TRP B 365 -11.32 9.09 -8.56
CA TRP B 365 -11.15 10.33 -7.81
C TRP B 365 -10.23 10.05 -6.65
N LEU B 366 -9.43 11.03 -6.29
CA LEU B 366 -8.74 11.01 -5.01
C LEU B 366 -8.77 12.45 -4.50
N MET B 367 -9.39 12.62 -3.33
CA MET B 367 -9.51 13.89 -2.67
C MET B 367 -8.54 13.96 -1.47
N LEU B 368 -7.67 14.98 -1.44
CA LEU B 368 -6.60 15.11 -0.45
C LEU B 368 -6.68 16.41 0.32
N SER B 369 -6.45 16.38 1.64
CA SER B 369 -6.31 17.62 2.38
C SER B 369 -5.17 17.58 3.35
N THR B 370 -4.60 18.75 3.61
CA THR B 370 -3.99 19.06 4.93
C THR B 370 -4.77 20.19 5.59
N PRO B 371 -4.42 20.61 6.81
CA PRO B 371 -5.30 21.61 7.40
C PRO B 371 -5.40 22.84 6.51
N ARG B 372 -4.30 23.18 5.83
CA ARG B 372 -4.25 24.42 4.98
C ARG B 372 -4.93 24.30 3.59
N LEU B 373 -4.72 23.18 2.91
CA LEU B 373 -5.13 23.03 1.51
C LEU B 373 -5.98 21.78 1.27
N THR B 374 -6.85 21.86 0.27
CA THR B 374 -7.43 20.67 -0.31
C THR B 374 -7.02 20.60 -1.80
N LEU B 375 -6.52 19.42 -2.22
CA LEU B 375 -6.28 19.13 -3.65
C LEU B 375 -7.29 18.07 -4.15
N GLY B 376 -8.20 18.47 -5.04
CA GLY B 376 -9.09 17.54 -5.73
C GLY B 376 -8.40 16.84 -6.90
N GLY B 377 -8.72 15.59 -7.16
CA GLY B 377 -8.20 14.95 -8.40
C GLY B 377 -9.14 13.91 -8.99
N TRP B 378 -9.35 14.01 -10.31
CA TRP B 378 -10.16 13.09 -11.12
C TRP B 378 -9.32 12.64 -12.35
N ILE B 379 -9.51 11.41 -12.80
CA ILE B 379 -9.00 10.94 -14.08
C ILE B 379 -10.08 10.08 -14.71
N GLY B 380 -10.06 10.02 -16.03
CA GLY B 380 -10.99 9.23 -16.82
C GLY B 380 -10.78 9.56 -18.29
N HIS B 381 -11.65 9.05 -19.16
CA HIS B 381 -11.61 9.36 -20.57
C HIS B 381 -12.76 10.25 -20.94
N ASP B 382 -12.52 11.14 -21.90
CA ASP B 382 -13.52 12.09 -22.37
C ASP B 382 -14.77 11.40 -22.91
N ASP B 383 -14.62 10.23 -23.54
CA ASP B 383 -15.77 9.43 -24.01
C ASP B 383 -16.30 8.42 -22.95
N ASN B 384 -15.73 8.42 -21.76
CA ASN B 384 -16.23 7.59 -20.65
C ASN B 384 -15.90 6.10 -20.67
N HIS B 385 -14.99 5.64 -21.54
CA HIS B 385 -14.70 4.21 -21.46
C HIS B 385 -13.83 3.90 -20.24
N SER B 386 -13.70 2.61 -19.94
CA SER B 386 -13.12 2.14 -18.71
C SER B 386 -11.63 2.37 -18.70
N LEU B 387 -11.10 2.68 -17.51
CA LEU B 387 -9.65 2.70 -17.29
C LEU B 387 -9.29 1.28 -16.94
N SER B 388 -8.00 0.98 -16.82
CA SER B 388 -7.55 -0.24 -16.16
C SER B 388 -8.04 -0.32 -14.72
N GLN B 389 -7.86 -1.50 -14.16
CA GLN B 389 -8.47 -1.79 -12.88
C GLN B 389 -7.80 -1.06 -11.71
N GLN B 390 -6.50 -0.79 -11.82
CA GLN B 390 -5.75 -0.13 -10.75
C GLN B 390 -5.48 1.36 -10.99
N ALA B 391 -6.16 1.95 -11.96
CA ALA B 391 -5.85 3.29 -12.39
C ALA B 391 -5.92 4.27 -11.19
N GLY B 392 -6.91 4.07 -10.32
CA GLY B 392 -7.17 4.99 -9.21
C GLY B 392 -6.33 4.57 -8.01
N TYR B 393 -6.26 3.27 -7.78
CA TYR B 393 -5.58 2.69 -6.63
C TYR B 393 -4.10 3.03 -6.75
N SER B 394 -3.58 2.90 -7.97
CA SER B 394 -2.15 3.10 -8.18
C SER B 394 -1.74 4.28 -9.08
N ASN B 395 -2.12 4.29 -10.36
CA ASN B 395 -1.67 5.39 -11.24
C ASN B 395 -2.02 6.78 -10.73
N ASN B 396 -3.30 7.05 -10.49
CA ASN B 396 -3.71 8.34 -9.94
C ASN B 396 -3.04 8.69 -8.62
N SER B 397 -2.80 7.68 -7.78
CA SER B 397 -2.21 7.98 -6.46
C SER B 397 -0.75 8.41 -6.63
N ASN B 398 -0.08 7.80 -7.61
CA ASN B 398 1.33 8.05 -7.87
C ASN B 398 1.40 9.40 -8.56
N TYR B 399 0.56 9.61 -9.55
CA TYR B 399 0.48 10.92 -10.23
C TYR B 399 0.31 12.05 -9.22
N MET B 400 -0.65 11.89 -8.29
CA MET B 400 -0.94 12.95 -7.35
C MET B 400 0.14 13.18 -6.32
N ALA B 401 0.92 12.14 -6.00
CA ALA B 401 2.07 12.31 -5.09
C ALA B 401 3.11 13.15 -5.80
N HIS B 402 3.31 12.93 -7.11
CA HIS B 402 4.18 13.79 -7.87
C HIS B 402 3.68 15.23 -7.89
N LEU B 403 2.38 15.39 -8.10
CA LEU B 403 1.76 16.74 -8.13
C LEU B 403 1.93 17.44 -6.77
N VAL B 404 1.64 16.71 -5.71
CA VAL B 404 1.71 17.28 -4.36
C VAL B 404 3.16 17.69 -4.07
N ASN B 405 4.08 16.83 -4.46
CA ASN B 405 5.48 17.18 -4.33
C ASN B 405 5.93 18.37 -5.18
N ALA B 406 5.52 18.42 -6.45
CA ALA B 406 5.82 19.61 -7.27
C ALA B 406 5.29 20.90 -6.63
N ILE B 407 4.12 20.81 -5.99
CA ILE B 407 3.48 22.01 -5.42
C ILE B 407 4.31 22.43 -4.23
N GLN B 408 4.79 21.46 -3.46
CA GLN B 408 5.70 21.74 -2.34
C GLN B 408 7.03 22.41 -2.71
N GLN B 409 7.71 21.90 -3.72
CA GLN B 409 9.01 22.45 -4.12
C GLN B 409 8.86 23.89 -4.56
N ALA B 410 7.72 24.25 -5.10
CA ALA B 410 7.52 25.60 -5.58
C ALA B 410 7.16 26.55 -4.44
N SER B 411 6.58 26.03 -3.38
CA SER B 411 6.19 26.87 -2.27
C SER B 411 6.26 26.01 -0.99
N PRO B 412 7.45 25.94 -0.39
CA PRO B 412 7.78 24.83 0.52
C PRO B 412 6.94 24.78 1.79
N SER B 413 6.37 25.92 2.19
CA SER B 413 5.53 25.96 3.38
C SER B 413 4.02 25.88 3.08
N ILE B 414 3.64 25.80 1.80
CA ILE B 414 2.23 25.95 1.42
C ILE B 414 1.29 24.86 2.00
N TRP B 415 1.78 23.64 2.17
CA TRP B 415 0.89 22.61 2.73
C TRP B 415 0.61 22.77 4.21
N GLY B 416 1.58 23.32 4.92
CA GLY B 416 1.45 23.56 6.35
C GLY B 416 1.96 22.36 7.15
N ASN B 417 2.37 22.64 8.38
CA ASN B 417 2.73 21.58 9.32
C ASN B 417 1.68 21.35 10.42
N GLU B 418 0.54 22.05 10.35
CA GLU B 418 -0.48 21.95 11.41
C GLU B 418 -1.00 20.49 11.41
N ARG B 419 -1.66 20.06 12.49
CA ARG B 419 -2.37 18.77 12.52
C ARG B 419 -3.84 19.02 12.60
N PHE B 420 -4.63 18.18 11.94
CA PHE B 420 -6.04 18.07 12.30
C PHE B 420 -6.17 17.59 13.73
N ALA B 421 -7.16 18.07 14.47
CA ALA B 421 -7.40 17.57 15.85
C ALA B 421 -8.88 17.60 16.28
N LEU B 422 -9.28 16.68 17.16
CA LEU B 422 -10.65 16.66 17.69
C LEU B 422 -10.99 18.01 18.27
N ASP B 423 -12.14 18.56 17.93
CA ASP B 423 -12.53 19.79 18.57
C ASP B 423 -12.86 19.46 20.03
N PRO B 424 -12.61 20.40 20.95
CA PRO B 424 -12.91 20.10 22.35
C PRO B 424 -14.43 19.83 22.62
N SER B 425 -15.33 20.34 21.77
CA SER B 425 -16.76 19.98 21.85
C SER B 425 -17.10 18.51 21.53
N VAL B 426 -16.13 17.71 21.09
CA VAL B 426 -16.40 16.31 20.75
C VAL B 426 -16.75 15.53 22.01
N VAL B 427 -17.64 14.55 21.92
CA VAL B 427 -18.00 13.76 23.11
C VAL B 427 -17.41 12.38 22.96
N LYS B 428 -16.65 11.93 23.97
CA LYS B 428 -15.91 10.64 23.88
C LYS B 428 -16.69 9.60 24.64
N SER B 429 -16.91 8.43 24.06
CA SER B 429 -17.61 7.36 24.81
C SER B 429 -16.84 6.05 24.82
N GLU B 430 -16.96 5.33 25.93
CA GLU B 430 -16.44 3.97 26.05
C GLU B 430 -17.45 2.95 25.55
N VAL B 431 -17.14 2.25 24.46
CA VAL B 431 -18.09 1.32 23.92
C VAL B 431 -17.51 -0.07 23.70
N LEU B 432 -18.37 -1.09 23.58
CA LEU B 432 -17.93 -2.41 23.12
C LEU B 432 -17.48 -2.32 21.67
N LYS B 433 -16.34 -2.93 21.36
CA LYS B 433 -15.87 -2.99 20.02
C LYS B 433 -16.89 -3.76 19.21
N SER B 434 -17.55 -4.73 19.84
CA SER B 434 -18.42 -5.59 19.06
C SER B 434 -19.71 -4.89 18.68
N THR B 435 -20.16 -3.95 19.50
CA THR B 435 -21.45 -3.31 19.26
C THR B 435 -21.39 -1.84 18.83
N GLY B 436 -20.29 -1.18 19.19
CA GLY B 436 -20.17 0.28 19.05
C GLY B 436 -20.99 1.02 20.08
N GLN B 437 -21.57 0.28 21.02
CA GLN B 437 -22.48 0.88 22.00
C GLN B 437 -22.05 0.49 23.40
N LYS B 438 -22.42 1.30 24.39
CA LYS B 438 -21.94 1.14 25.75
C LYS B 438 -22.24 -0.30 26.26
N PRO B 439 -21.40 -0.83 27.16
CA PRO B 439 -21.66 -2.19 27.65
C PRO B 439 -22.93 -2.20 28.53
N GLY B 440 -23.60 -3.35 28.55
CA GLY B 440 -24.73 -3.59 29.44
C GLY B 440 -25.48 -4.85 29.05
N LYS B 441 -26.66 -5.04 29.65
CA LYS B 441 -27.48 -6.24 29.37
C LYS B 441 -28.34 -5.98 28.10
N VAL B 442 -28.47 -7.03 27.28
CA VAL B 442 -29.33 -7.00 26.10
C VAL B 442 -30.16 -8.27 26.03
N SER B 443 -31.37 -8.17 25.50
CA SER B 443 -32.20 -9.37 25.34
C SER B 443 -31.95 -10.10 24.00
N VAL B 444 -31.26 -11.25 24.07
CA VAL B 444 -31.04 -12.11 22.90
C VAL B 444 -31.95 -13.36 22.92
N GLU B 445 -33.18 -13.18 22.46
CA GLU B 445 -34.10 -14.29 22.23
C GLU B 445 -34.41 -15.08 23.50
N GLY B 446 -35.15 -14.46 24.41
CA GLY B 446 -35.46 -15.07 25.69
C GLY B 446 -34.36 -14.71 26.66
N LYS B 447 -33.20 -15.34 26.49
CA LYS B 447 -32.01 -15.05 27.30
C LYS B 447 -31.67 -13.55 27.35
N GLU B 448 -31.90 -12.94 28.52
CA GLU B 448 -31.29 -11.67 28.84
C GLU B 448 -29.81 -11.89 29.12
N VAL B 449 -28.95 -11.13 28.43
CA VAL B 449 -27.52 -11.44 28.37
C VAL B 449 -26.64 -10.25 28.77
N GLU B 450 -25.61 -10.53 29.56
CA GLU B 450 -24.69 -9.47 30.02
C GLU B 450 -23.56 -9.21 29.00
N VAL B 451 -23.73 -8.21 28.15
CA VAL B 451 -22.76 -7.98 27.10
C VAL B 451 -21.47 -7.33 27.60
N THR B 452 -20.38 -8.07 27.42
CA THR B 452 -19.11 -7.80 28.05
C THR B 452 -18.07 -7.84 26.95
N GLY B 453 -16.91 -7.22 27.16
CA GLY B 453 -15.79 -7.49 26.26
C GLY B 453 -14.90 -6.30 26.02
N SER B 454 -14.01 -6.44 25.05
CA SER B 454 -13.17 -5.35 24.58
C SER B 454 -13.94 -4.04 24.49
N THR B 455 -13.36 -2.95 25.01
CA THR B 455 -13.86 -1.60 24.70
C THR B 455 -12.92 -0.70 23.84
N VAL B 456 -13.51 0.24 23.10
CA VAL B 456 -12.75 1.30 22.42
C VAL B 456 -13.34 2.65 22.81
N THR B 457 -12.58 3.73 22.62
CA THR B 457 -13.13 5.09 22.67
C THR B 457 -13.79 5.47 21.34
N SER B 458 -15.09 5.79 21.41
CA SER B 458 -15.83 6.19 20.21
C SER B 458 -16.22 7.66 20.34
N TYR B 459 -16.02 8.41 19.27
CA TYR B 459 -16.27 9.87 19.28
C TYR B 459 -17.60 10.24 18.68
N TRP B 460 -18.33 11.11 19.36
CA TRP B 460 -19.61 11.62 18.88
C TRP B 460 -19.74 13.16 18.73
N ALA B 461 -20.77 13.56 17.97
CA ALA B 461 -21.01 14.98 17.77
C ALA B 461 -22.38 15.40 18.31
N ASN B 462 -22.88 14.63 19.27
CA ASN B 462 -24.10 15.00 19.98
C ASN B 462 -23.77 15.53 21.39
N LYS B 463 -24.76 15.52 22.28
CA LYS B 463 -24.52 15.92 23.67
C LYS B 463 -24.06 14.75 24.53
N SER B 464 -24.72 13.59 24.42
CA SER B 464 -24.54 12.52 25.40
C SER B 464 -23.70 11.31 24.95
N GLY B 465 -23.08 11.39 23.78
CA GLY B 465 -22.23 10.29 23.34
C GLY B 465 -23.03 9.09 22.85
N ALA B 466 -22.52 7.89 23.08
CA ALA B 466 -23.09 6.68 22.45
C ALA B 466 -24.18 6.14 23.36
N PRO B 467 -25.22 5.52 22.81
CA PRO B 467 -26.22 4.83 23.62
C PRO B 467 -25.71 3.56 24.32
N ALA B 468 -26.56 3.00 25.17
CA ALA B 468 -26.37 1.65 25.67
C ALA B 468 -26.60 0.71 24.52
N THR B 469 -25.85 -0.40 24.52
CA THR B 469 -26.03 -1.46 23.53
C THR B 469 -27.50 -1.90 23.58
N SER B 470 -28.14 -1.97 22.42
CA SER B 470 -29.46 -2.62 22.30
C SER B 470 -29.33 -3.73 21.26
N TYR B 471 -30.38 -4.51 21.08
CA TYR B 471 -30.31 -5.62 20.15
C TYR B 471 -29.93 -5.17 18.74
N ARG B 472 -30.51 -4.06 18.29
CA ARG B 472 -30.31 -3.58 16.93
C ARG B 472 -29.18 -2.57 16.97
N PHE B 473 -27.96 -3.05 17.18
CA PHE B 473 -26.87 -2.14 17.55
C PHE B 473 -26.26 -1.45 16.36
N ALA B 474 -26.47 -1.99 15.16
CA ALA B 474 -25.78 -1.51 13.96
C ALA B 474 -26.65 -0.61 13.07
N ILE B 475 -26.00 0.15 12.21
CA ILE B 475 -26.69 0.80 11.12
C ILE B 475 -26.99 -0.28 10.09
N GLY B 476 -28.26 -0.67 10.02
CA GLY B 476 -28.68 -1.59 8.96
C GLY B 476 -28.71 -3.02 9.47
N GLY B 477 -29.19 -3.94 8.64
CA GLY B 477 -29.20 -5.37 8.99
C GLY B 477 -30.57 -6.00 9.09
N SER B 478 -30.71 -7.25 8.66
CA SER B 478 -31.98 -7.95 8.75
C SER B 478 -32.02 -8.69 10.07
N ASP B 479 -33.21 -9.20 10.41
CA ASP B 479 -33.30 -10.16 11.49
C ASP B 479 -32.26 -11.28 11.35
N ALA B 480 -32.25 -11.97 10.22
CA ALA B 480 -31.22 -13.00 10.01
C ALA B 480 -29.81 -12.51 10.37
N ASP B 481 -29.43 -11.32 9.89
CA ASP B 481 -28.05 -10.85 10.05
C ASP B 481 -27.77 -10.74 11.53
N TYR B 482 -28.74 -10.19 12.26
CA TYR B 482 -28.56 -9.90 13.67
C TYR B 482 -28.47 -11.18 14.50
N GLN B 483 -29.29 -12.17 14.14
CA GLN B 483 -29.16 -13.50 14.69
C GLN B 483 -27.74 -13.96 14.56
N ASN B 484 -27.22 -13.91 13.34
CA ASN B 484 -25.90 -14.41 13.07
C ASN B 484 -24.79 -13.64 13.79
N ALA B 485 -24.91 -12.32 13.91
CA ALA B 485 -23.91 -11.51 14.61
C ALA B 485 -23.97 -11.70 16.12
N TRP B 486 -25.17 -11.86 16.65
CA TRP B 486 -25.33 -12.06 18.10
C TRP B 486 -24.87 -13.45 18.51
N SER B 487 -25.16 -14.40 17.65
CA SER B 487 -24.65 -15.75 17.83
C SER B 487 -23.15 -15.66 18.06
N SER B 488 -22.47 -14.97 17.14
CA SER B 488 -21.03 -14.78 17.23
C SER B 488 -20.59 -14.02 18.46
N ILE B 489 -21.37 -13.03 18.88
CA ILE B 489 -20.99 -12.26 20.05
C ILE B 489 -21.03 -13.05 21.37
N VAL B 490 -22.06 -13.87 21.57
CA VAL B 490 -22.13 -14.67 22.80
C VAL B 490 -21.05 -15.75 22.99
N GLY B 491 -20.49 -16.28 21.91
CA GLY B 491 -19.22 -17.02 22.04
C GLY B 491 -18.05 -16.08 22.31
N SER B 492 -18.05 -15.42 23.47
CA SER B 492 -16.87 -14.71 23.98
C SER B 492 -16.83 -14.60 25.52
N LEU B 493 -17.91 -14.38 25.13
CA LEU B 493 -17.84 -14.14 26.55
C LEU B 493 -17.69 -15.46 27.32
#